data_6BUA
#
_entry.id   6BUA
#
_entity_poly.entity_id   1
_entity_poly.type   'polypeptide(L)'
_entity_poly.pdbx_seq_one_letter_code
;GPMEDVEIKPRGYQLRLVDHLTKSNGIVYLPTGSGKTFVAILVLKRFSQDFDKPIESGGKRALFMCNTVELARQQAMAVR
RCTNFKVGFYVGEQGVDDWTRGMWSDEIKKNQVLVGTAQVFLDMVTQTYVALSSLSVVIIDECHHGTGHHPFREFMRLFT
IANQTKLPRVVGLTGVLIKGNEITNVATKLKELEITYRGNIITVSDTKEMENVMLYATKPTEVMVSFPHQEQVLTVTRLI
SAEIEKFYVSLDLMNIGVQPIRRSKSLQCLRDPSKKSFVKQLFNDFLYQMKEYGIYAASIAIISLIVEFDIKRRQAETLS
VKLMHRTALTLCEKIRHLLVQKLQDMTYDDDDDNVNTEEVIMNFSTPKVQRFLMSLKVSFADKDPKDICCLVFVERRYTC
KCIYGLLLNYIQSTPELRNVLTPQFMVGRNNISPDFESVLERKWQKSAIQQFRDGNANLMICSSVLEEGIDVQACNHVFI
LDPVKTFNMYVQSKGRARTTEAKFVLFTADKEREKTIQQIYQYRKAHNDIAEYLKDRVLEKTEPELYEIKGHFQDDIDPF
TNENGAVLLPNNALAILHRYCQTIPTDAFGFVIPWFHVLQEDERDRIFGVSAKGKHVISINMPVNCMLRDTIYSDPMDNV
KTAKISAAFKACKVLYSLGELNERFVPKTLKERVASIADVHFEHWNKYGDSVTATVNKADKSKDRTYKTECPLEFYDALP
RVGEICYAYEIFLEPQFESCEYTEHMYLNLQTPRNYAILLRNKLPRLAEMPLFSNQGKLHVRVANAPLEVIIQNSEQLEL
LHQFHGMVFRDILKIWHPFFVLDRRSKENSYLVVPLILGAGEQKCFDWELMTNFRRLPQSHGSNVQQREQQPAPRPEDFE
GKIVTQWYANYDKPMLVTKVHRELTPLSYMEKNQQDKTYYEFTMSKYGNRIGDVVHKDKFMIEVRDLTEQLTFYVHNRGK
FNAKSKAKMKVILIPELCFNFNFPGDLWLKLIFLPSILNRMYFLLHAEALRKRFNTYLNLHLLPFNGTDYMPRPLEIDYS
LKRNVDPLGNVIPTEDIEEPKSLLEPMPTKSIEASVANLEITEFENPWQKYMEPVDLSRNLLSTYPVELDYYYHFSVGNV
CEMNEMDFEDKEYWAKNQFHMPTGNIYGNRTPAKTNANVPALMPSKPTVRGKVKPLLILQKTVSKEHITPAEQGEFLAAI
TASSAADVFDMERLEILGASFLKLSATLYLASKYSDWNEGTLTEVKSKLVSNRNLLFCLIDADIPKTLNTIQFTPRYTWL
PPGISLPHNVLALWRENPEFAKIIGPHNLRDLALGDEESLVKGNCSDINYNRFVEGCRANGQSFYAGADFSSEVNFCVGL
VTIPNKVIADTLEALLGVIVKNYGLQHAFKMLEYFKICRADIDKPLTQLLNLELGGKKMRANVNTTEIDGFLINHYYLEK
NLGYTFKDRRYLLQALTHPSYPTNRITGSYQELEFIGAAILDFLISAYIFENNTKMNPGALTDLRSALVNNTTLACICVR
HRLHFFILAENAKLSEIISKFVNFQESQGHRVTNYVRILLEEADVQPTPLDLDDELDMTELPHANKCISQEAEKGVPPKG
EFNMSTNVDVPKALGDVLEALIAAVYLDCRDLQRTWEVIFNLFEPELQEFTRKVPINHIRQLVEHKHAKPVFSSPIVEGE
TVMVSCQFTCMEKTIKVYGFGSNKDQAKLSAAKHALQQLSKCDA
;
_entity_poly.pdbx_strand_id   A
#
# COMPACT_ATOMS: atom_id res chain seq x y z
N ARG A 11 15.35 28.44 -3.79
CA ARG A 11 14.67 29.49 -4.52
C ARG A 11 15.54 30.74 -4.63
N GLY A 12 15.03 31.76 -5.33
CA GLY A 12 15.79 32.99 -5.51
C GLY A 12 15.91 33.82 -4.25
N TYR A 13 14.94 33.71 -3.34
CA TYR A 13 15.00 34.49 -2.10
C TYR A 13 16.01 33.92 -1.11
N GLN A 14 16.22 32.60 -1.13
CA GLN A 14 17.17 31.99 -0.22
C GLN A 14 18.62 32.26 -0.65
N LEU A 15 18.85 32.37 -1.96
CA LEU A 15 20.20 32.64 -2.45
C LEU A 15 20.63 34.08 -2.21
N ARG A 16 19.70 35.03 -2.32
CA ARG A 16 20.02 36.43 -2.09
C ARG A 16 20.21 36.74 -0.61
N LEU A 17 19.45 36.07 0.27
CA LEU A 17 19.58 36.31 1.70
C LEU A 17 20.83 35.67 2.27
N VAL A 18 21.30 34.56 1.66
CA VAL A 18 22.50 33.88 2.15
C VAL A 18 23.76 34.40 1.48
N ASP A 19 23.66 35.38 0.58
CA ASP A 19 24.84 35.92 -0.08
C ASP A 19 25.64 36.81 0.86
N HIS A 20 24.95 37.57 1.72
CA HIS A 20 25.62 38.45 2.67
C HIS A 20 26.20 37.69 3.86
N LEU A 21 25.66 36.51 4.17
CA LEU A 21 26.18 35.74 5.30
C LEU A 21 27.48 35.02 4.95
N THR A 22 27.71 34.74 3.67
CA THR A 22 28.94 34.06 3.27
C THR A 22 30.13 35.01 3.23
N LYS A 23 29.91 36.28 2.89
CA LYS A 23 31.01 37.23 2.83
C LYS A 23 31.45 37.66 4.23
N SER A 24 30.48 37.96 5.10
CA SER A 24 30.77 38.40 6.45
C SER A 24 29.56 38.08 7.33
N ASN A 25 29.59 38.57 8.57
CA ASN A 25 28.48 38.33 9.48
C ASN A 25 27.27 39.16 9.09
N GLY A 26 26.11 38.72 9.54
CA GLY A 26 24.88 39.43 9.25
C GLY A 26 23.69 38.72 9.86
N ILE A 27 22.58 39.44 9.93
CA ILE A 27 21.32 38.94 10.48
C ILE A 27 20.34 38.81 9.32
N VAL A 28 19.71 37.65 9.21
CA VAL A 28 18.75 37.38 8.14
C VAL A 28 17.35 37.65 8.66
N TYR A 29 16.64 38.56 8.00
CA TYR A 29 15.27 38.93 8.37
C TYR A 29 14.33 38.46 7.27
N LEU A 30 13.51 37.47 7.58
CA LEU A 30 12.56 36.92 6.61
C LEU A 30 11.29 36.55 7.36
N PRO A 31 10.15 36.52 6.68
CA PRO A 31 8.90 36.14 7.35
C PRO A 31 8.87 34.66 7.67
N THR A 32 7.95 34.32 8.58
CA THR A 32 7.79 32.92 8.98
C THR A 32 7.28 32.08 7.81
N GLY A 33 7.90 30.92 7.62
CA GLY A 33 7.55 30.04 6.52
C GLY A 33 8.34 30.26 5.25
N SER A 34 9.35 31.12 5.27
CA SER A 34 10.17 31.39 4.09
C SER A 34 11.37 30.48 3.99
N GLY A 35 11.52 29.51 4.89
CA GLY A 35 12.66 28.62 4.86
C GLY A 35 13.94 29.27 5.37
N LYS A 36 13.84 29.96 6.50
CA LYS A 36 15.03 30.60 7.08
C LYS A 36 16.05 29.57 7.55
N THR A 37 15.59 28.39 7.99
CA THR A 37 16.51 27.35 8.39
C THR A 37 17.23 26.73 7.20
N PHE A 38 16.58 26.71 6.03
CA PHE A 38 17.23 26.18 4.83
C PHE A 38 18.30 27.12 4.31
N VAL A 39 18.13 28.43 4.52
CA VAL A 39 19.16 29.38 4.09
C VAL A 39 20.41 29.26 4.96
N ALA A 40 20.25 28.91 6.23
CA ALA A 40 21.40 28.73 7.10
C ALA A 40 22.17 27.47 6.74
N ILE A 41 21.49 26.44 6.21
CA ILE A 41 22.18 25.24 5.79
C ILE A 41 23.01 25.49 4.53
N LEU A 42 22.53 26.37 3.64
CA LEU A 42 23.30 26.70 2.45
C LEU A 42 24.52 27.55 2.80
N VAL A 43 24.41 28.41 3.82
CA VAL A 43 25.56 29.20 4.22
C VAL A 43 26.57 28.34 4.97
N LEU A 44 26.12 27.29 5.65
CA LEU A 44 27.04 26.40 6.34
C LEU A 44 27.86 25.56 5.36
N LYS A 45 27.24 25.17 4.24
CA LYS A 45 27.99 24.40 3.24
C LYS A 45 29.00 25.27 2.50
N ARG A 46 28.70 26.56 2.34
CA ARG A 46 29.65 27.47 1.70
C ARG A 46 30.79 27.87 2.64
N PHE A 47 30.52 27.91 3.94
CA PHE A 47 31.58 28.24 4.90
C PHE A 47 32.56 27.09 5.07
N SER A 48 32.09 25.84 4.97
CA SER A 48 32.97 24.69 5.08
C SER A 48 33.77 24.43 3.81
N GLN A 49 33.30 24.92 2.66
CA GLN A 49 34.03 24.71 1.41
C GLN A 49 35.21 25.67 1.29
N ASP A 50 35.03 26.91 1.71
CA ASP A 50 36.09 27.92 1.66
C ASP A 50 36.63 28.12 3.07
N PHE A 51 37.87 27.69 3.29
CA PHE A 51 38.51 27.84 4.60
C PHE A 51 40.03 27.90 4.46
N ARG A 61 33.98 24.68 12.79
CA ARG A 61 32.86 24.09 13.51
C ARG A 61 31.65 25.03 13.50
N ALA A 62 30.47 24.44 13.34
CA ALA A 62 29.22 25.19 13.31
C ALA A 62 28.44 24.95 14.60
N LEU A 63 27.74 25.98 15.06
CA LEU A 63 26.95 25.92 16.28
C LEU A 63 25.54 26.41 15.99
N PHE A 64 24.55 25.56 16.23
CA PHE A 64 23.15 25.89 16.01
C PHE A 64 22.48 26.08 17.36
N MET A 65 22.03 27.29 17.64
CA MET A 65 21.37 27.63 18.90
C MET A 65 19.86 27.65 18.71
N CYS A 66 19.14 27.06 19.64
CA CYS A 66 17.68 27.00 19.61
C CYS A 66 17.12 27.49 20.93
N ASN A 67 16.08 28.33 20.85
CA ASN A 67 15.48 28.87 22.05
C ASN A 67 14.58 27.87 22.75
N THR A 68 13.79 27.11 21.98
CA THR A 68 12.85 26.14 22.53
C THR A 68 13.41 24.74 22.41
N VAL A 69 13.13 23.90 23.40
CA VAL A 69 13.60 22.52 23.39
C VAL A 69 12.85 21.71 22.34
N GLU A 70 11.58 22.05 22.08
CA GLU A 70 10.81 21.33 21.07
C GLU A 70 11.31 21.64 19.67
N LEU A 71 11.69 22.90 19.41
CA LEU A 71 12.23 23.28 18.11
C LEU A 71 13.66 22.81 17.91
N ALA A 72 14.37 22.46 18.99
CA ALA A 72 15.74 21.99 18.86
C ALA A 72 15.79 20.58 18.28
N ARG A 73 14.79 19.75 18.58
CA ARG A 73 14.76 18.40 18.03
C ARG A 73 14.51 18.40 16.54
N GLN A 74 13.67 19.33 16.05
CA GLN A 74 13.41 19.42 14.62
C GLN A 74 14.61 19.99 13.87
N GLN A 75 15.34 20.92 14.49
CA GLN A 75 16.51 21.50 13.85
C GLN A 75 17.69 20.53 13.85
N ALA A 76 17.79 19.68 14.88
CA ALA A 76 18.88 18.71 14.94
C ALA A 76 18.66 17.58 13.93
N MET A 77 17.40 17.16 13.74
CA MET A 77 17.12 16.11 12.78
C MET A 77 17.28 16.59 11.35
N ALA A 78 16.95 17.85 11.08
CA ALA A 78 17.10 18.39 9.74
C ALA A 78 18.55 18.65 9.39
N VAL A 79 19.37 19.04 10.37
CA VAL A 79 20.79 19.28 10.11
C VAL A 79 21.55 17.97 9.98
N ARG A 80 21.13 16.93 10.70
CA ARG A 80 21.81 15.64 10.61
C ARG A 80 21.48 14.90 9.32
N ARG A 81 20.32 15.19 8.72
CA ARG A 81 19.96 14.54 7.47
C ARG A 81 20.75 15.11 6.29
N CYS A 82 21.01 16.41 6.29
CA CYS A 82 21.78 17.02 5.21
C CYS A 82 23.27 16.72 5.36
N THR A 83 23.77 16.65 6.59
CA THR A 83 25.17 16.36 6.84
C THR A 83 25.50 14.87 6.73
N ASN A 84 24.48 14.00 6.59
CA ASN A 84 24.75 12.58 6.47
C ASN A 84 25.38 12.24 5.13
N PHE A 85 24.88 12.85 4.04
CA PHE A 85 25.47 12.62 2.73
C PHE A 85 26.84 13.29 2.58
N LYS A 86 27.11 14.33 3.36
CA LYS A 86 28.40 15.00 3.33
C LYS A 86 29.51 14.20 3.97
N VAL A 87 29.19 13.05 4.58
CA VAL A 87 30.16 12.19 5.26
C VAL A 87 30.78 12.93 6.42
N GLY A 88 30.03 13.86 7.01
CA GLY A 88 30.47 14.59 8.17
C GLY A 88 29.82 14.09 9.45
N PHE A 89 30.33 14.58 10.58
CA PHE A 89 29.81 14.21 11.89
C PHE A 89 28.82 15.26 12.36
N TYR A 90 27.56 14.88 12.46
CA TYR A 90 26.49 15.77 12.91
C TYR A 90 25.91 15.22 14.20
N VAL A 91 26.10 15.97 15.29
CA VAL A 91 25.61 15.59 16.61
C VAL A 91 25.05 16.82 17.30
N GLY A 92 24.33 16.59 18.39
CA GLY A 92 23.74 17.68 19.15
C GLY A 92 23.61 17.30 20.61
N GLU A 93 23.49 18.33 21.45
CA GLU A 93 23.39 18.15 22.90
C GLU A 93 22.13 18.83 23.39
N GLN A 94 21.19 18.03 23.89
CA GLN A 94 19.96 18.55 24.49
C GLN A 94 20.06 18.69 26.00
N GLY A 95 21.22 18.39 26.59
CA GLY A 95 21.39 18.41 28.03
C GLY A 95 21.46 17.05 28.68
N VAL A 96 21.34 15.97 27.91
CA VAL A 96 21.43 14.63 28.50
C VAL A 96 22.87 14.24 28.75
N ASP A 97 23.80 14.77 27.96
CA ASP A 97 25.22 14.48 28.10
C ASP A 97 25.92 15.71 28.64
N ASP A 98 26.40 15.63 29.88
CA ASP A 98 27.12 16.72 30.53
C ASP A 98 28.29 16.14 31.32
N TRP A 99 29.46 16.75 31.16
CA TRP A 99 30.65 16.30 31.86
C TRP A 99 31.53 17.49 32.17
N THR A 100 32.33 17.36 33.22
CA THR A 100 33.24 18.41 33.67
C THR A 100 34.65 18.08 33.22
N ARG A 101 35.22 18.94 32.37
CA ARG A 101 36.57 18.76 31.86
C ARG A 101 37.12 20.12 31.46
N GLY A 102 38.33 20.12 30.91
CA GLY A 102 38.98 21.34 30.48
C GLY A 102 38.52 21.90 29.17
N MET A 103 37.58 21.24 28.49
CA MET A 103 37.08 21.69 27.20
C MET A 103 35.68 21.11 27.00
N TRP A 104 35.16 21.25 25.79
CA TRP A 104 33.86 20.71 25.46
C TRP A 104 33.91 19.18 25.46
N SER A 105 32.73 18.56 25.60
CA SER A 105 32.64 17.11 25.62
C SER A 105 32.90 16.54 24.23
N ASP A 106 32.81 15.21 24.13
CA ASP A 106 33.09 14.54 22.87
C ASP A 106 32.03 14.81 21.81
N GLU A 107 30.85 15.31 22.21
CA GLU A 107 29.81 15.60 21.23
C GLU A 107 30.15 16.82 20.39
N ILE A 108 30.53 17.93 21.03
CA ILE A 108 30.85 19.13 20.28
C ILE A 108 32.26 19.06 19.70
N LYS A 109 33.16 18.30 20.33
CA LYS A 109 34.54 18.24 19.85
C LYS A 109 34.68 17.38 18.60
N LYS A 110 34.07 16.19 18.60
CA LYS A 110 34.20 15.31 17.44
C LYS A 110 33.33 15.77 16.27
N ASN A 111 32.09 16.18 16.55
CA ASN A 111 31.20 16.61 15.49
C ASN A 111 31.48 18.05 15.09
N GLN A 112 31.41 18.33 13.79
CA GLN A 112 31.64 19.69 13.30
C GLN A 112 30.43 20.58 13.56
N VAL A 113 29.22 20.07 13.34
CA VAL A 113 27.99 20.81 13.55
C VAL A 113 27.40 20.37 14.89
N LEU A 114 27.09 21.34 15.74
CA LEU A 114 26.52 21.08 17.06
C LEU A 114 25.25 21.91 17.22
N VAL A 115 24.12 21.23 17.37
CA VAL A 115 22.83 21.87 17.53
C VAL A 115 22.38 21.66 18.97
N GLY A 116 22.34 22.74 19.75
CA GLY A 116 21.94 22.67 21.13
C GLY A 116 21.29 23.96 21.58
N THR A 117 20.60 23.89 22.71
CA THR A 117 19.92 25.05 23.26
C THR A 117 20.92 26.04 23.84
N ALA A 118 20.49 27.29 23.93
CA ALA A 118 21.33 28.34 24.51
C ALA A 118 21.53 28.18 26.01
N GLN A 119 20.62 27.49 26.69
CA GLN A 119 20.78 27.28 28.12
C GLN A 119 21.91 26.31 28.43
N VAL A 120 22.16 25.35 27.55
CA VAL A 120 23.26 24.41 27.77
C VAL A 120 24.60 25.10 27.60
N PHE A 121 24.71 26.02 26.65
CA PHE A 121 25.96 26.76 26.46
C PHE A 121 26.15 27.82 27.54
N LEU A 122 25.06 28.38 28.06
CA LEU A 122 25.17 29.37 29.11
C LEU A 122 25.52 28.73 30.45
N ASP A 123 24.98 27.53 30.71
CA ASP A 123 25.30 26.82 31.94
C ASP A 123 26.76 26.39 31.95
N MET A 124 27.32 26.06 30.78
CA MET A 124 28.73 25.70 30.68
C MET A 124 29.65 26.91 30.71
N VAL A 125 29.11 28.13 30.63
CA VAL A 125 29.92 29.34 30.66
C VAL A 125 30.18 29.83 32.08
N THR A 126 29.49 29.28 33.08
CA THR A 126 29.77 29.66 34.46
C THR A 126 31.16 29.21 34.88
N GLN A 127 31.45 27.92 34.72
CA GLN A 127 32.80 27.38 34.91
C GLN A 127 33.44 27.25 33.54
N THR A 128 34.56 27.95 33.33
CA THR A 128 35.17 28.01 32.02
C THR A 128 35.64 26.62 31.59
N TYR A 129 35.15 26.17 30.43
CA TYR A 129 35.55 24.89 29.86
C TYR A 129 35.91 25.06 28.38
N VAL A 130 34.90 25.36 27.57
CA VAL A 130 35.08 25.57 26.13
C VAL A 130 34.96 27.06 25.84
N ALA A 131 35.70 27.50 24.83
CA ALA A 131 35.73 28.90 24.43
C ALA A 131 35.13 29.06 23.04
N LEU A 132 34.62 30.26 22.77
CA LEU A 132 33.97 30.54 21.48
C LEU A 132 34.94 30.46 20.30
N SER A 133 36.24 30.47 20.55
CA SER A 133 37.22 30.38 19.47
C SER A 133 37.28 28.99 18.83
N SER A 134 36.66 27.99 19.46
CA SER A 134 36.68 26.65 18.89
C SER A 134 35.74 26.52 17.69
N LEU A 135 34.56 27.13 17.78
CA LEU A 135 33.59 27.08 16.70
C LEU A 135 33.91 28.15 15.66
N SER A 136 33.81 27.75 14.38
CA SER A 136 34.09 28.70 13.30
C SER A 136 32.91 29.64 13.06
N VAL A 137 31.68 29.12 13.11
CA VAL A 137 30.48 29.91 12.90
C VAL A 137 29.44 29.51 13.94
N VAL A 138 28.59 30.47 14.31
CA VAL A 138 27.54 30.27 15.30
C VAL A 138 26.24 30.80 14.73
N ILE A 139 25.26 29.92 14.57
CA ILE A 139 23.93 30.28 14.07
C ILE A 139 22.95 30.22 15.24
N ILE A 140 22.33 31.35 15.53
CA ILE A 140 21.38 31.46 16.64
C ILE A 140 19.99 31.70 16.04
N ASP A 141 19.10 30.74 16.23
CA ASP A 141 17.73 30.88 15.72
C ASP A 141 16.98 31.89 16.58
N GLU A 142 16.29 32.82 15.92
CA GLU A 142 15.53 33.88 16.56
C GLU A 142 16.44 34.71 17.49
N CYS A 143 17.39 35.40 16.84
CA CYS A 143 18.35 36.22 17.56
C CYS A 143 17.74 37.52 18.09
N HIS A 144 16.54 37.88 17.65
CA HIS A 144 15.88 39.10 18.11
C HIS A 144 15.32 38.96 19.52
N HIS A 145 15.02 37.75 19.98
CA HIS A 145 14.46 37.57 21.31
C HIS A 145 15.53 37.66 22.40
N GLY A 146 16.76 37.26 22.10
CA GLY A 146 17.81 37.30 23.09
C GLY A 146 18.16 38.73 23.45
N THR A 147 18.10 39.05 24.74
CA THR A 147 18.40 40.37 25.28
C THR A 147 18.28 40.31 26.79
N GLY A 148 18.85 41.31 27.46
CA GLY A 148 18.77 41.37 28.91
C GLY A 148 19.49 40.20 29.55
N HIS A 149 18.76 39.46 30.39
CA HIS A 149 19.31 38.32 31.11
C HIS A 149 19.13 37.00 30.35
N HIS A 150 18.62 37.05 29.12
CA HIS A 150 18.39 35.84 28.36
C HIS A 150 19.72 35.15 28.04
N PRO A 151 19.70 33.85 27.74
CA PRO A 151 20.96 33.15 27.45
C PRO A 151 21.63 33.58 26.16
N PHE A 152 20.86 34.05 25.17
CA PHE A 152 21.48 34.49 23.92
C PHE A 152 22.30 35.76 24.13
N ARG A 153 21.87 36.65 25.04
CA ARG A 153 22.66 37.83 25.35
C ARG A 153 23.83 37.52 26.25
N GLU A 154 23.72 36.48 27.08
CA GLU A 154 24.84 36.09 27.94
C GLU A 154 25.99 35.51 27.12
N PHE A 155 25.67 34.65 26.16
CA PHE A 155 26.71 34.12 25.28
C PHE A 155 27.30 35.19 24.38
N MET A 156 26.48 36.18 23.99
CA MET A 156 27.00 37.29 23.19
C MET A 156 27.85 38.23 24.04
N ARG A 157 27.59 38.30 25.35
CA ARG A 157 28.41 39.14 26.22
C ARG A 157 29.82 38.55 26.37
N LEU A 158 29.93 37.22 26.37
CA LEU A 158 31.25 36.60 26.42
C LEU A 158 32.03 36.84 25.14
N PHE A 159 31.34 36.94 24.01
CA PHE A 159 32.03 37.26 22.76
C PHE A 159 32.45 38.72 22.71
N THR A 160 31.76 39.58 23.46
CA THR A 160 32.14 40.98 23.52
C THR A 160 33.48 41.17 24.22
N ILE A 161 33.72 40.41 25.30
CA ILE A 161 35.03 40.47 25.96
C ILE A 161 36.09 39.80 25.11
N ALA A 162 35.68 38.87 24.24
CA ALA A 162 36.59 38.19 23.32
C ALA A 162 36.71 38.92 21.98
N ASN A 163 36.06 40.07 21.82
CA ASN A 163 36.10 40.79 20.56
C ASN A 163 37.46 41.46 20.37
N GLN A 164 37.56 42.26 19.31
CA GLN A 164 38.81 42.92 18.92
C GLN A 164 39.93 41.92 18.67
N THR A 165 39.56 40.71 18.23
CA THR A 165 40.52 39.65 17.95
C THR A 165 39.81 38.63 17.06
N LYS A 166 40.50 37.51 16.79
CA LYS A 166 39.91 36.44 15.98
C LYS A 166 38.81 35.75 16.76
N LEU A 167 37.62 35.69 16.17
CA LEU A 167 36.48 35.06 16.81
C LEU A 167 35.56 34.40 15.78
N PRO A 168 34.48 33.78 16.20
CA PRO A 168 33.58 33.12 15.24
C PRO A 168 32.70 34.12 14.52
N ARG A 169 32.21 33.69 13.36
CA ARG A 169 31.31 34.51 12.55
C ARG A 169 29.89 34.37 13.09
N VAL A 170 29.27 35.50 13.41
CA VAL A 170 27.93 35.50 13.97
C VAL A 170 26.91 35.40 12.85
N VAL A 171 25.84 34.63 13.08
CA VAL A 171 24.78 34.46 12.11
C VAL A 171 23.48 34.19 12.87
N GLY A 172 22.37 34.63 12.29
CA GLY A 172 21.08 34.44 12.92
C GLY A 172 19.95 34.73 11.95
N LEU A 173 18.79 34.17 12.27
CA LEU A 173 17.59 34.35 11.45
C LEU A 173 16.39 34.51 12.38
N THR A 174 15.57 35.53 12.11
CA THR A 174 14.39 35.79 12.93
C THR A 174 13.28 36.33 12.04
N GLY A 175 12.06 36.26 12.56
CA GLY A 175 10.91 36.73 11.80
C GLY A 175 10.83 38.25 11.74
N VAL A 176 11.11 38.92 12.86
CA VAL A 176 11.07 40.38 12.94
C VAL A 176 12.32 40.86 13.67
N LEU A 177 12.74 42.08 13.33
CA LEU A 177 13.94 42.64 13.96
C LEU A 177 13.64 43.13 15.37
N ILE A 178 12.84 44.20 15.48
CA ILE A 178 12.51 44.82 16.76
C ILE A 178 11.52 45.96 16.51
N LYS A 179 10.89 46.44 17.57
CA LYS A 179 9.93 47.53 17.49
C LYS A 179 10.29 48.58 18.52
N GLY A 180 10.63 49.79 18.06
CA GLY A 180 11.02 50.87 18.92
C GLY A 180 9.96 51.94 19.04
N ASN A 181 10.40 53.15 19.38
CA ASN A 181 9.50 54.28 19.53
C ASN A 181 9.56 55.17 18.30
N GLU A 182 8.39 55.50 17.74
CA GLU A 182 8.26 56.37 16.57
C GLU A 182 9.01 55.73 15.41
N ILE A 183 9.93 56.42 14.75
CA ILE A 183 10.63 55.88 13.59
C ILE A 183 12.13 56.01 13.78
N THR A 184 12.61 57.26 13.88
CA THR A 184 14.05 57.50 14.01
C THR A 184 14.61 56.86 15.28
N ASN A 185 13.85 56.89 16.38
CA ASN A 185 14.30 56.25 17.60
C ASN A 185 14.26 54.73 17.49
N VAL A 186 13.41 54.20 16.61
CA VAL A 186 13.36 52.76 16.41
C VAL A 186 14.55 52.25 15.62
N ALA A 187 15.19 53.11 14.81
CA ALA A 187 16.37 52.68 14.07
C ALA A 187 17.55 52.42 14.99
N THR A 188 17.64 53.14 16.12
CA THR A 188 18.71 52.88 17.08
C THR A 188 18.52 51.56 17.79
N LYS A 189 17.27 51.11 17.94
CA LYS A 189 17.02 49.81 18.57
C LYS A 189 17.48 48.68 17.67
N LEU A 190 17.32 48.83 16.35
CA LEU A 190 17.80 47.81 15.43
C LEU A 190 19.33 47.79 15.37
N LYS A 191 19.97 48.95 15.51
CA LYS A 191 21.43 48.98 15.54
C LYS A 191 21.97 48.45 16.86
N GLU A 192 21.24 48.66 17.95
CA GLU A 192 21.66 48.12 19.24
C GLU A 192 21.53 46.60 19.29
N LEU A 193 20.50 46.06 18.63
CA LEU A 193 20.35 44.61 18.58
C LEU A 193 21.43 43.97 17.72
N GLU A 194 21.86 44.64 16.65
CA GLU A 194 22.94 44.12 15.83
C GLU A 194 24.29 44.29 16.50
N ILE A 195 24.43 45.29 17.37
CA ILE A 195 25.69 45.49 18.08
C ILE A 195 25.88 44.42 19.16
N THR A 196 24.80 43.98 19.78
CA THR A 196 24.91 42.92 20.78
C THR A 196 25.26 41.59 20.15
N TYR A 197 24.75 41.33 18.95
CA TYR A 197 25.05 40.12 18.21
C TYR A 197 26.31 40.23 17.36
N ARG A 198 27.00 41.37 17.42
CA ARG A 198 28.23 41.60 16.66
C ARG A 198 28.02 41.46 15.16
N GLY A 199 26.93 42.05 14.67
CA GLY A 199 26.64 42.00 13.25
C GLY A 199 27.34 43.08 12.46
N ASN A 200 27.62 42.77 11.20
CA ASN A 200 28.29 43.70 10.30
C ASN A 200 27.25 44.64 9.68
N ILE A 201 27.69 45.47 8.72
CA ILE A 201 26.79 46.43 8.09
C ILE A 201 25.88 45.80 7.06
N ILE A 202 26.10 44.53 6.72
CA ILE A 202 25.27 43.85 5.72
C ILE A 202 24.06 43.23 6.41
N THR A 203 22.87 43.66 6.01
CA THR A 203 21.62 43.13 6.55
C THR A 203 20.88 42.39 5.44
N VAL A 204 20.62 41.10 5.67
CA VAL A 204 19.96 40.28 4.66
C VAL A 204 18.47 40.62 4.65
N SER A 205 17.97 41.04 3.50
CA SER A 205 16.55 41.36 3.34
C SER A 205 16.16 41.13 1.89
N ASP A 206 14.90 40.74 1.70
CA ASP A 206 14.37 40.49 0.36
C ASP A 206 14.08 41.82 -0.33
N THR A 207 14.70 42.04 -1.49
CA THR A 207 14.48 43.26 -2.25
C THR A 207 14.05 42.95 -3.68
N LYS A 208 14.93 42.40 -4.52
CA LYS A 208 14.53 42.03 -5.87
C LYS A 208 13.81 40.70 -5.92
N GLU A 209 13.95 39.88 -4.88
CA GLU A 209 13.28 38.58 -4.81
C GLU A 209 11.95 38.65 -4.08
N MET A 210 11.51 39.85 -3.67
CA MET A 210 10.25 39.98 -2.96
C MET A 210 9.06 39.61 -3.83
N GLU A 211 9.19 39.70 -5.15
CA GLU A 211 8.09 39.30 -6.03
C GLU A 211 7.90 37.79 -5.98
N ASN A 212 8.98 37.02 -6.03
CA ASN A 212 8.89 35.57 -5.94
C ASN A 212 8.68 35.09 -4.52
N VAL A 213 9.10 35.86 -3.51
CA VAL A 213 8.91 35.46 -2.13
C VAL A 213 7.44 35.54 -1.74
N MET A 214 6.71 36.52 -2.28
CA MET A 214 5.30 36.66 -1.98
C MET A 214 4.45 35.58 -2.65
N LEU A 215 4.93 35.02 -3.77
CA LEU A 215 4.17 33.97 -4.45
C LEU A 215 4.30 32.62 -3.73
N TYR A 216 5.42 32.38 -3.05
CA TYR A 216 5.58 31.12 -2.32
C TYR A 216 4.69 31.09 -1.09
N ALA A 217 4.71 32.14 -0.29
CA ALA A 217 3.88 32.25 0.91
C ALA A 217 2.96 33.45 0.75
N THR A 218 1.65 33.19 0.65
CA THR A 218 0.66 34.24 0.48
C THR A 218 0.16 34.67 1.85
N LYS A 219 0.43 35.94 2.21
CA LYS A 219 -0.01 36.47 3.49
C LYS A 219 -1.17 37.42 3.27
N PRO A 220 -2.38 37.11 3.74
CA PRO A 220 -3.50 38.04 3.54
C PRO A 220 -3.36 39.26 4.44
N THR A 221 -3.74 40.41 3.89
CA THR A 221 -3.65 41.65 4.64
C THR A 221 -4.67 41.67 5.77
N GLU A 222 -4.35 42.42 6.82
CA GLU A 222 -5.22 42.55 7.99
C GLU A 222 -6.09 43.80 7.80
N VAL A 223 -7.39 43.59 7.68
CA VAL A 223 -8.35 44.68 7.51
C VAL A 223 -9.22 44.74 8.77
N MET A 224 -9.07 45.82 9.53
CA MET A 224 -9.84 46.01 10.76
C MET A 224 -11.06 46.84 10.44
N VAL A 225 -12.24 46.24 10.58
CA VAL A 225 -13.51 46.90 10.31
C VAL A 225 -14.17 47.18 11.66
N SER A 226 -14.28 48.46 12.01
CA SER A 226 -14.91 48.87 13.26
C SER A 226 -16.41 49.01 13.05
N PHE A 227 -17.18 48.52 14.02
CA PHE A 227 -18.63 48.59 13.96
C PHE A 227 -19.17 49.42 15.12
N PRO A 228 -20.27 50.14 14.90
CA PRO A 228 -20.82 50.97 15.99
C PRO A 228 -21.40 50.11 17.10
N HIS A 229 -21.09 50.50 18.33
CA HIS A 229 -21.60 49.83 19.53
C HIS A 229 -22.74 50.65 20.11
N GLN A 230 -23.84 49.98 20.43
CA GLN A 230 -25.02 50.66 20.94
C GLN A 230 -24.78 51.15 22.36
N GLU A 231 -24.98 52.44 22.59
CA GLU A 231 -24.84 53.00 23.93
C GLU A 231 -26.07 52.74 24.81
N GLN A 232 -27.21 52.44 24.20
CA GLN A 232 -28.44 52.13 24.92
C GLN A 232 -28.81 50.67 24.67
N VAL A 233 -29.96 50.27 25.24
CA VAL A 233 -30.52 48.93 25.09
C VAL A 233 -29.65 47.90 25.80
N LEU A 234 -28.52 48.35 26.37
CA LEU A 234 -27.59 47.46 27.05
C LEU A 234 -27.98 47.20 28.50
N THR A 235 -29.10 47.75 28.97
CA THR A 235 -29.55 47.49 30.33
C THR A 235 -29.86 46.01 30.56
N VAL A 236 -30.15 45.26 29.50
CA VAL A 236 -30.35 43.81 29.65
C VAL A 236 -29.05 43.14 30.08
N THR A 237 -27.92 43.59 29.54
CA THR A 237 -26.63 43.08 29.98
C THR A 237 -26.27 43.56 31.37
N ARG A 238 -26.68 44.78 31.73
CA ARG A 238 -26.45 45.27 33.09
C ARG A 238 -27.34 44.55 34.09
N LEU A 239 -28.57 44.23 33.70
CA LEU A 239 -29.45 43.45 34.57
C LEU A 239 -28.93 42.03 34.72
N ILE A 240 -28.37 41.46 33.67
CA ILE A 240 -27.76 40.13 33.77
C ILE A 240 -26.50 40.20 34.62
N SER A 241 -25.75 41.30 34.53
CA SER A 241 -24.59 41.48 35.39
C SER A 241 -25.00 41.75 36.83
N ALA A 242 -26.10 42.45 37.05
CA ALA A 242 -26.61 42.66 38.41
C ALA A 242 -27.09 41.36 39.01
N GLU A 243 -27.74 40.51 38.21
CA GLU A 243 -28.15 39.19 38.70
C GLU A 243 -26.94 38.29 38.93
N ILE A 244 -25.90 38.44 38.12
CA ILE A 244 -24.67 37.68 38.34
C ILE A 244 -23.92 38.21 39.55
N GLU A 245 -24.01 39.52 39.79
CA GLU A 245 -23.37 40.10 40.97
C GLU A 245 -24.04 39.62 42.25
N LYS A 246 -25.36 39.40 42.22
CA LYS A 246 -26.05 38.86 43.38
C LYS A 246 -25.62 37.43 43.65
N PHE A 247 -25.40 36.64 42.60
CA PHE A 247 -24.90 35.29 42.76
C PHE A 247 -23.41 35.26 43.05
N TYR A 248 -22.68 36.31 42.69
CA TYR A 248 -21.25 36.39 42.96
C TYR A 248 -20.95 36.70 44.43
N VAL A 249 -21.95 37.14 45.20
CA VAL A 249 -21.72 37.42 46.62
C VAL A 249 -21.58 36.11 47.39
N SER A 250 -22.36 35.09 47.04
CA SER A 250 -22.24 33.80 47.70
C SER A 250 -21.06 33.00 47.17
N LEU A 251 -20.73 33.16 45.89
CA LEU A 251 -19.58 32.49 45.29
C LEU A 251 -18.29 33.28 45.41
N ASP A 252 -18.33 34.43 46.08
CA ASP A 252 -17.17 35.30 46.28
C ASP A 252 -16.56 35.73 44.95
N LEU A 253 -17.36 36.46 44.17
CA LEU A 253 -16.94 37.08 42.91
C LEU A 253 -16.23 36.08 42.00
N MET A 254 -17.02 35.13 41.50
CA MET A 254 -16.50 34.16 40.54
C MET A 254 -15.94 34.86 39.31
N ASN A 255 -16.83 35.42 38.49
CA ASN A 255 -16.51 36.26 37.35
C ASN A 255 -17.83 36.61 36.67
N ILE A 256 -17.81 37.68 35.87
CA ILE A 256 -18.99 38.10 35.13
C ILE A 256 -18.55 38.70 33.80
N GLY A 257 -19.21 38.27 32.72
CA GLY A 257 -19.08 38.91 31.41
C GLY A 257 -17.67 39.10 30.90
N VAL A 258 -16.87 38.04 30.84
CA VAL A 258 -15.50 38.13 30.37
C VAL A 258 -15.18 36.93 29.49
N GLN A 259 -14.26 37.13 28.54
CA GLN A 259 -13.79 36.02 27.73
C GLN A 259 -12.99 35.01 28.55
N PRO A 260 -12.08 35.41 29.42
CA PRO A 260 -11.41 34.42 30.29
C PRO A 260 -12.33 33.79 31.31
N ILE A 261 -13.50 34.39 31.57
CA ILE A 261 -14.44 33.81 32.52
C ILE A 261 -14.92 32.45 32.05
N ARG A 262 -15.05 32.27 30.73
CA ARG A 262 -15.41 30.96 30.20
C ARG A 262 -14.31 29.93 30.46
N ARG A 263 -13.04 30.35 30.36
CA ARG A 263 -11.93 29.47 30.70
C ARG A 263 -11.75 29.35 32.21
N SER A 264 -12.08 30.41 32.96
CA SER A 264 -11.97 30.33 34.41
C SER A 264 -13.09 29.49 35.02
N LYS A 265 -14.24 29.41 34.33
CA LYS A 265 -15.33 28.57 34.84
C LYS A 265 -14.95 27.10 34.78
N SER A 266 -14.28 26.67 33.71
CA SER A 266 -13.80 25.30 33.63
C SER A 266 -12.63 25.06 34.58
N LEU A 267 -11.85 26.11 34.88
CA LEU A 267 -10.76 25.98 35.83
C LEU A 267 -11.26 25.96 37.27
N GLN A 268 -12.27 26.76 37.57
CA GLN A 268 -12.85 26.77 38.92
C GLN A 268 -13.68 25.53 39.19
N CYS A 269 -14.16 24.85 38.15
CA CYS A 269 -14.91 23.61 38.36
C CYS A 269 -14.01 22.51 38.91
N LEU A 270 -12.80 22.37 38.36
CA LEU A 270 -11.84 21.41 38.88
C LEU A 270 -11.16 21.91 40.14
N ARG A 271 -11.12 23.23 40.37
CA ARG A 271 -10.52 23.78 41.58
C ARG A 271 -11.46 23.71 42.78
N ASP A 272 -12.74 23.46 42.55
CA ASP A 272 -13.67 23.35 43.69
C ASP A 272 -13.35 22.14 44.55
N PRO A 273 -13.22 20.93 44.01
CA PRO A 273 -12.82 19.80 44.84
C PRO A 273 -11.35 19.87 45.21
N SER A 274 -10.98 19.11 46.25
CA SER A 274 -9.61 19.07 46.77
C SER A 274 -9.16 20.47 47.19
N LYS A 275 -9.76 20.94 48.28
CA LYS A 275 -9.52 22.28 48.79
C LYS A 275 -9.58 22.22 50.32
N LYS A 276 -9.58 23.40 50.94
CA LYS A 276 -9.65 23.49 52.39
C LYS A 276 -10.89 22.80 52.93
N SER A 277 -10.72 22.04 54.00
CA SER A 277 -11.80 21.26 54.60
C SER A 277 -12.97 22.14 55.02
N PHE A 278 -12.77 22.98 56.04
CA PHE A 278 -13.88 23.76 56.59
C PHE A 278 -14.19 24.98 55.73
N VAL A 279 -13.19 25.55 55.05
CA VAL A 279 -13.42 26.77 54.28
C VAL A 279 -14.22 26.48 53.02
N LYS A 280 -13.84 25.44 52.28
CA LYS A 280 -14.48 25.11 51.03
C LYS A 280 -15.63 24.12 51.18
N GLN A 281 -15.97 23.73 52.41
CA GLN A 281 -17.07 22.79 52.62
C GLN A 281 -18.39 23.34 52.09
N LEU A 282 -18.77 24.54 52.54
CA LEU A 282 -20.00 25.15 52.06
C LEU A 282 -19.84 25.71 50.65
N PHE A 283 -18.63 26.07 50.25
CA PHE A 283 -18.40 26.61 48.91
C PHE A 283 -18.30 25.53 47.84
N ASN A 284 -18.11 24.27 48.23
CA ASN A 284 -18.02 23.16 47.28
C ASN A 284 -19.29 23.06 46.44
N ASP A 285 -20.41 22.73 47.09
CA ASP A 285 -21.68 22.62 46.36
C ASP A 285 -22.22 23.97 45.92
N PHE A 286 -21.79 25.06 46.57
CA PHE A 286 -22.27 26.38 46.18
C PHE A 286 -21.65 26.83 44.86
N LEU A 287 -20.33 26.68 44.73
CA LEU A 287 -19.66 27.08 43.49
C LEU A 287 -19.99 26.15 42.34
N TYR A 288 -20.40 24.91 42.65
CA TYR A 288 -20.77 23.98 41.59
C TYR A 288 -22.06 24.43 40.89
N GLN A 289 -23.06 24.86 41.67
CA GLN A 289 -24.28 25.38 41.09
C GLN A 289 -24.12 26.81 40.59
N MET A 290 -23.18 27.56 41.17
CA MET A 290 -22.95 28.93 40.73
C MET A 290 -22.21 28.97 39.40
N LYS A 291 -21.25 28.07 39.21
CA LYS A 291 -20.52 28.02 37.94
C LYS A 291 -21.42 27.56 36.80
N GLU A 292 -22.37 26.66 37.07
CA GLU A 292 -23.29 26.22 36.04
C GLU A 292 -24.25 27.34 35.65
N TYR A 293 -24.78 28.07 36.64
CA TYR A 293 -25.66 29.19 36.36
C TYR A 293 -24.90 30.43 35.92
N GLY A 294 -23.64 30.57 36.33
CA GLY A 294 -22.83 31.70 35.90
C GLY A 294 -22.37 31.59 34.48
N ILE A 295 -22.11 30.36 34.02
CA ILE A 295 -21.71 30.16 32.63
C ILE A 295 -22.87 30.43 31.69
N TYR A 296 -24.11 30.14 32.13
CA TYR A 296 -25.27 30.46 31.31
C TYR A 296 -25.50 31.96 31.23
N ALA A 297 -25.21 32.69 32.31
CA ALA A 297 -25.34 34.14 32.28
C ALA A 297 -24.19 34.80 31.54
N ALA A 298 -22.99 34.22 31.61
CA ALA A 298 -21.85 34.77 30.87
C ALA A 298 -22.00 34.53 29.38
N SER A 299 -22.53 33.36 28.99
CA SER A 299 -22.77 33.08 27.58
C SER A 299 -23.89 33.96 27.02
N ILE A 300 -24.89 34.27 27.84
CA ILE A 300 -25.97 35.15 27.38
C ILE A 300 -25.48 36.59 27.29
N ALA A 301 -24.54 36.99 28.15
CA ALA A 301 -23.99 38.34 28.08
C ALA A 301 -23.11 38.52 26.85
N ILE A 302 -22.37 37.47 26.46
CA ILE A 302 -21.55 37.56 25.26
C ILE A 302 -22.41 37.48 24.01
N ILE A 303 -23.54 36.76 24.07
CA ILE A 303 -24.43 36.67 22.93
C ILE A 303 -25.27 37.93 22.76
N SER A 304 -25.49 38.69 23.84
CA SER A 304 -26.26 39.93 23.73
C SER A 304 -25.47 41.02 23.02
N LEU A 305 -24.14 41.01 23.15
CA LEU A 305 -23.32 41.99 22.45
C LEU A 305 -23.10 41.60 21.00
N ILE A 306 -22.86 40.32 20.73
CA ILE A 306 -22.56 39.88 19.37
C ILE A 306 -23.84 39.75 18.56
N VAL A 307 -24.93 39.30 19.18
CA VAL A 307 -26.19 39.08 18.48
C VAL A 307 -27.30 39.86 19.16
N GLU A 308 -28.53 39.69 18.69
CA GLU A 308 -29.67 40.39 19.26
C GLU A 308 -29.97 39.88 20.67
N PHE A 309 -30.66 40.71 21.45
CA PHE A 309 -31.00 40.35 22.81
C PHE A 309 -32.06 39.26 22.88
N ASP A 310 -32.79 39.02 21.78
CA ASP A 310 -33.81 37.97 21.79
C ASP A 310 -33.18 36.58 21.84
N ILE A 311 -31.98 36.42 21.27
CA ILE A 311 -31.31 35.13 21.31
C ILE A 311 -30.72 34.85 22.69
N LYS A 312 -30.30 35.90 23.41
CA LYS A 312 -29.75 35.71 24.74
C LYS A 312 -30.84 35.35 25.76
N ARG A 313 -32.04 35.92 25.60
CA ARG A 313 -33.12 35.59 26.51
C ARG A 313 -33.68 34.20 26.25
N ARG A 314 -33.61 33.73 25.00
CA ARG A 314 -34.09 32.39 24.69
C ARG A 314 -33.15 31.32 25.22
N GLN A 315 -31.85 31.60 25.29
CA GLN A 315 -30.90 30.63 25.83
C GLN A 315 -31.04 30.50 27.34
N ALA A 316 -31.35 31.61 28.02
CA ALA A 316 -31.54 31.56 29.46
C ALA A 316 -32.88 30.97 29.84
N GLU A 317 -33.88 31.09 28.96
CA GLU A 317 -35.19 30.51 29.26
C GLU A 317 -35.16 28.99 29.13
N THR A 318 -34.38 28.47 28.17
CA THR A 318 -34.27 27.03 28.01
C THR A 318 -33.46 26.41 29.16
N LEU A 319 -32.47 27.13 29.68
CA LEU A 319 -31.68 26.62 30.80
C LEU A 319 -32.47 26.70 32.11
N SER A 320 -33.32 27.71 32.27
CA SER A 320 -34.13 27.81 33.48
C SER A 320 -35.22 26.75 33.52
N VAL A 321 -35.73 26.34 32.35
CA VAL A 321 -36.74 25.29 32.32
C VAL A 321 -36.12 23.94 32.62
N LYS A 322 -34.86 23.74 32.26
CA LYS A 322 -34.18 22.49 32.56
C LYS A 322 -33.81 22.38 34.04
N LEU A 323 -33.68 23.50 34.73
CA LEU A 323 -33.38 23.46 36.16
C LEU A 323 -34.59 23.04 36.97
N MET A 324 -35.80 23.30 36.47
CA MET A 324 -37.00 22.87 37.17
C MET A 324 -37.18 21.35 37.11
N HIS A 325 -36.81 20.74 35.99
CA HIS A 325 -36.88 19.29 35.85
C HIS A 325 -35.70 18.57 36.47
N ARG A 326 -34.70 19.31 36.94
CA ARG A 326 -33.53 18.72 37.58
C ARG A 326 -33.84 18.42 39.05
N THR A 327 -32.80 18.08 39.82
CA THR A 327 -32.99 17.76 41.23
C THR A 327 -33.53 18.95 42.04
N ALA A 328 -33.38 20.18 41.51
CA ALA A 328 -33.89 21.39 42.15
C ALA A 328 -33.32 21.55 43.55
N LEU A 329 -32.02 21.84 43.59
CA LEU A 329 -31.33 22.06 44.84
C LEU A 329 -31.80 23.37 45.49
N THR A 330 -31.56 23.46 46.80
CA THR A 330 -31.96 24.65 47.55
C THR A 330 -31.25 25.90 47.03
N LEU A 331 -30.00 25.76 46.57
CA LEU A 331 -29.28 26.88 46.01
C LEU A 331 -29.74 27.20 44.59
N CYS A 332 -30.15 26.19 43.83
CA CYS A 332 -30.63 26.42 42.47
C CYS A 332 -32.06 26.95 42.46
N GLU A 333 -32.85 26.64 43.48
CA GLU A 333 -34.22 27.15 43.53
C GLU A 333 -34.24 28.64 43.78
N LYS A 334 -33.31 29.15 44.60
CA LYS A 334 -33.23 30.58 44.85
C LYS A 334 -32.66 31.34 43.66
N ILE A 335 -31.80 30.69 42.87
CA ILE A 335 -31.25 31.35 41.68
C ILE A 335 -32.31 31.45 40.60
N ARG A 336 -33.18 30.44 40.49
CA ARG A 336 -34.24 30.49 39.50
C ARG A 336 -35.35 31.45 39.90
N HIS A 337 -35.58 31.62 41.21
CA HIS A 337 -36.59 32.56 41.67
C HIS A 337 -36.11 34.00 41.53
N LEU A 338 -34.80 34.23 41.67
CA LEU A 338 -34.28 35.58 41.51
C LEU A 338 -34.30 36.01 40.04
N LEU A 339 -34.02 35.09 39.12
CA LEU A 339 -34.06 35.41 37.70
C LEU A 339 -35.50 35.56 37.19
N VAL A 340 -36.47 34.93 37.85
CA VAL A 340 -37.86 35.06 37.42
C VAL A 340 -38.43 36.43 37.75
N GLN A 341 -37.92 37.10 38.78
CA GLN A 341 -38.40 38.43 39.10
C GLN A 341 -37.94 39.45 38.07
N LYS A 342 -36.74 39.25 37.51
CA LYS A 342 -36.21 40.12 36.48
C LYS A 342 -36.55 39.63 35.07
N LEU A 343 -37.31 38.54 34.96
CA LEU A 343 -37.67 38.03 33.63
C LEU A 343 -38.70 38.94 32.95
N GLN A 344 -39.47 39.70 33.74
CA GLN A 344 -40.43 40.62 33.15
C GLN A 344 -39.74 41.77 32.44
N ASP A 345 -38.63 42.27 33.00
CA ASP A 345 -37.89 43.34 32.35
C ASP A 345 -37.04 42.83 31.19
N MET A 346 -36.57 41.58 31.28
CA MET A 346 -35.77 41.02 30.19
C MET A 346 -36.64 40.67 28.99
N THR A 347 -37.90 40.30 29.21
CA THR A 347 -38.79 40.00 28.10
C THR A 347 -39.18 41.26 27.33
N TYR A 348 -39.24 42.40 28.02
CA TYR A 348 -39.58 43.65 27.34
C TYR A 348 -38.42 44.18 26.52
N ASP A 349 -37.19 43.79 26.84
CA ASP A 349 -36.04 44.23 26.06
C ASP A 349 -36.00 43.56 24.69
N ASP A 350 -36.33 42.27 24.64
CA ASP A 350 -36.37 41.56 23.37
C ASP A 350 -37.57 41.91 22.52
N ASP A 351 -38.61 42.49 23.13
CA ASP A 351 -39.82 42.88 22.41
C ASP A 351 -39.76 44.31 21.89
N ASP A 352 -38.65 45.01 22.08
CA ASP A 352 -38.53 46.39 21.62
C ASP A 352 -38.51 46.48 20.10
N ASP A 353 -38.13 45.41 19.40
CA ASP A 353 -38.09 45.38 17.94
C ASP A 353 -39.41 44.79 17.43
N ASN A 354 -40.19 45.61 16.76
CA ASN A 354 -41.48 45.19 16.22
C ASN A 354 -41.86 45.99 14.99
N THR A 366 -29.11 44.81 17.50
CA THR A 366 -27.71 45.15 17.75
C THR A 366 -27.04 45.67 16.47
N PRO A 367 -26.35 46.80 16.57
CA PRO A 367 -25.67 47.35 15.39
C PRO A 367 -24.50 46.51 14.93
N LYS A 368 -23.92 45.66 15.79
CA LYS A 368 -22.80 44.83 15.38
C LYS A 368 -23.24 43.73 14.42
N VAL A 369 -24.46 43.22 14.58
CA VAL A 369 -24.96 42.18 13.69
C VAL A 369 -25.34 42.72 12.32
N GLN A 370 -25.66 44.01 12.22
CA GLN A 370 -26.01 44.59 10.93
C GLN A 370 -24.78 44.75 10.06
N ARG A 371 -23.63 45.07 10.66
CA ARG A 371 -22.40 45.22 9.88
C ARG A 371 -21.89 43.88 9.39
N PHE A 372 -22.12 42.80 10.15
CA PHE A 372 -21.69 41.48 9.70
C PHE A 372 -22.54 40.97 8.55
N LEU A 373 -23.84 41.27 8.57
CA LEU A 373 -24.70 40.84 7.48
C LEU A 373 -24.46 41.65 6.21
N MET A 374 -24.09 42.93 6.35
CA MET A 374 -23.81 43.76 5.19
C MET A 374 -22.48 43.37 4.54
N SER A 375 -21.48 42.99 5.33
CA SER A 375 -20.20 42.59 4.77
C SER A 375 -20.26 41.20 4.14
N LEU A 376 -21.07 40.30 4.70
CA LEU A 376 -21.20 38.97 4.11
C LEU A 376 -22.01 38.99 2.82
N LYS A 377 -22.96 39.92 2.71
CA LYS A 377 -23.77 40.02 1.50
C LYS A 377 -23.01 40.68 0.35
N VAL A 378 -22.11 41.62 0.67
CA VAL A 378 -21.34 42.28 -0.38
C VAL A 378 -20.23 41.39 -0.92
N SER A 379 -19.76 40.42 -0.14
CA SER A 379 -18.71 39.52 -0.60
C SER A 379 -19.24 38.51 -1.61
N PHE A 380 -20.45 37.98 -1.38
CA PHE A 380 -21.03 37.03 -2.31
C PHE A 380 -21.60 37.70 -3.54
N ALA A 381 -22.10 38.93 -3.41
CA ALA A 381 -22.64 39.68 -4.54
C ALA A 381 -21.62 39.85 -5.65
N ASP A 382 -20.56 40.60 -5.37
CA ASP A 382 -19.50 40.86 -6.35
C ASP A 382 -18.18 40.95 -5.61
N LYS A 383 -17.13 41.33 -6.34
CA LYS A 383 -15.77 41.51 -5.86
C LYS A 383 -15.10 40.22 -5.43
N ASP A 384 -15.81 39.09 -5.41
CA ASP A 384 -15.25 37.81 -5.03
C ASP A 384 -16.04 36.69 -5.68
N PRO A 385 -15.70 35.42 -5.41
CA PRO A 385 -16.44 34.32 -6.04
C PRO A 385 -17.85 34.23 -5.51
N LYS A 386 -18.79 33.91 -6.41
CA LYS A 386 -20.20 33.82 -6.01
C LYS A 386 -20.43 32.60 -5.12
N ASP A 387 -19.91 31.45 -5.51
CA ASP A 387 -20.04 30.22 -4.73
C ASP A 387 -18.70 29.93 -4.05
N ILE A 388 -18.67 30.06 -2.73
CA ILE A 388 -17.46 29.82 -1.95
C ILE A 388 -17.87 29.47 -0.54
N CYS A 389 -16.94 28.87 0.21
CA CYS A 389 -17.19 28.47 1.58
C CYS A 389 -16.72 29.58 2.52
N CYS A 390 -17.67 30.22 3.21
CA CYS A 390 -17.37 31.29 4.15
C CYS A 390 -18.12 31.02 5.45
N LEU A 391 -17.38 30.87 6.54
CA LEU A 391 -17.95 30.59 7.85
C LEU A 391 -17.46 31.63 8.85
N VAL A 392 -18.41 32.25 9.56
CA VAL A 392 -18.07 33.26 10.56
C VAL A 392 -17.61 32.57 11.83
N PHE A 393 -16.66 33.21 12.53
CA PHE A 393 -16.13 32.66 13.77
C PHE A 393 -17.01 33.09 14.93
N VAL A 394 -17.48 32.12 15.72
CA VAL A 394 -18.33 32.38 16.87
C VAL A 394 -17.46 32.46 18.11
N GLU A 395 -17.82 33.36 19.02
CA GLU A 395 -17.05 33.52 20.25
C GLU A 395 -17.22 32.33 21.18
N ARG A 396 -18.33 31.61 21.06
CA ARG A 396 -18.58 30.44 21.91
C ARG A 396 -19.51 29.50 21.16
N ARG A 397 -19.87 28.40 21.82
CA ARG A 397 -20.76 27.42 21.20
C ARG A 397 -22.20 27.94 21.11
N TYR A 398 -22.59 28.82 22.05
CA TYR A 398 -23.94 29.37 22.02
C TYR A 398 -24.09 30.45 20.96
N THR A 399 -22.99 31.09 20.56
CA THR A 399 -23.05 32.13 19.53
C THR A 399 -23.28 31.56 18.14
N CYS A 400 -22.92 30.30 17.90
CA CYS A 400 -23.15 29.69 16.60
C CYS A 400 -24.64 29.43 16.36
N LYS A 401 -25.34 28.94 17.37
CA LYS A 401 -26.77 28.70 17.22
C LYS A 401 -27.55 30.01 17.20
N CYS A 402 -27.04 31.05 17.88
CA CYS A 402 -27.72 32.34 17.88
C CYS A 402 -27.56 33.05 16.54
N ILE A 403 -26.39 32.93 15.90
CA ILE A 403 -26.17 33.56 14.61
C ILE A 403 -26.87 32.82 13.48
N TYR A 404 -27.17 31.53 13.66
CA TYR A 404 -27.87 30.78 12.62
C TYR A 404 -29.33 31.21 12.51
N GLY A 405 -29.96 31.54 13.63
CA GLY A 405 -31.35 31.99 13.60
C GLY A 405 -31.54 33.39 13.08
N LEU A 406 -30.51 34.24 13.18
CA LEU A 406 -30.62 35.60 12.68
C LEU A 406 -30.59 35.65 11.16
N LEU A 407 -29.84 34.76 10.52
CA LEU A 407 -29.79 34.74 9.05
C LEU A 407 -31.07 34.20 8.45
N LEU A 408 -31.74 33.27 9.13
CA LEU A 408 -33.00 32.71 8.62
C LEU A 408 -34.16 33.66 8.83
N ASN A 409 -34.12 34.49 9.89
CA ASN A 409 -35.20 35.43 10.15
C ASN A 409 -35.16 36.63 9.21
N TYR A 410 -33.97 37.00 8.72
CA TYR A 410 -33.84 38.12 7.81
C TYR A 410 -34.29 37.76 6.41
N ASN A 458 -22.88 26.66 1.81
CA ASN A 458 -22.50 28.06 1.66
C ASN A 458 -22.19 28.70 3.01
N LEU A 459 -23.14 29.50 3.51
CA LEU A 459 -22.95 30.15 4.80
C LEU A 459 -23.14 29.15 5.93
N MET A 460 -22.24 29.21 6.92
CA MET A 460 -22.30 28.30 8.05
C MET A 460 -21.65 28.97 9.25
N ILE A 461 -21.93 28.43 10.43
CA ILE A 461 -21.38 28.92 11.69
C ILE A 461 -20.40 27.88 12.21
N CYS A 462 -19.12 28.21 12.21
CA CYS A 462 -18.07 27.31 12.64
C CYS A 462 -17.54 27.73 14.01
N SER A 463 -17.31 26.72 14.86
CA SER A 463 -16.80 26.95 16.20
C SER A 463 -16.07 25.70 16.66
N SER A 464 -15.56 25.74 17.88
CA SER A 464 -14.83 24.60 18.44
C SER A 464 -14.86 24.63 19.97
N ALA A 474 -11.10 27.12 17.47
CA ALA A 474 -10.69 27.31 16.09
C ALA A 474 -11.64 28.27 15.36
N CYS A 475 -11.31 28.58 14.11
CA CYS A 475 -12.11 29.48 13.30
C CYS A 475 -12.05 29.00 11.86
N ASN A 476 -12.61 29.79 10.94
CA ASN A 476 -12.64 29.42 9.54
C ASN A 476 -12.09 30.55 8.67
N HIS A 477 -12.14 30.36 7.35
CA HIS A 477 -11.64 31.36 6.42
C HIS A 477 -12.58 32.56 6.34
N VAL A 478 -12.05 33.66 5.84
CA VAL A 478 -12.79 34.90 5.59
C VAL A 478 -13.35 35.47 6.89
N PHE A 479 -14.67 35.66 6.94
CA PHE A 479 -15.30 36.43 8.01
C PHE A 479 -15.09 35.77 9.37
N ILE A 480 -14.77 36.61 10.36
CA ILE A 480 -14.65 36.19 11.76
C ILE A 480 -15.32 37.27 12.61
N LEU A 481 -16.27 36.86 13.45
CA LEU A 481 -17.09 37.79 14.21
C LEU A 481 -16.47 38.01 15.60
N ASP A 482 -15.96 39.22 15.82
CA ASP A 482 -15.42 39.64 17.10
C ASP A 482 -14.43 38.63 17.70
N PRO A 483 -13.48 38.14 16.89
CA PRO A 483 -12.47 37.23 17.45
C PRO A 483 -11.42 37.99 18.26
N VAL A 484 -11.02 37.39 19.37
CA VAL A 484 -9.95 37.91 20.21
C VAL A 484 -8.81 36.91 20.16
N LYS A 485 -7.73 37.28 19.45
CA LYS A 485 -6.57 36.42 19.25
C LYS A 485 -5.54 37.13 18.38
N THR A 486 -4.38 36.51 18.19
CA THR A 486 -3.39 37.04 17.27
C THR A 486 -3.89 36.88 15.83
N PHE A 487 -3.92 38.00 15.09
CA PHE A 487 -4.47 37.96 13.74
C PHE A 487 -3.63 37.11 12.80
N ASN A 488 -2.31 37.12 12.97
CA ASN A 488 -1.44 36.35 12.07
C ASN A 488 -1.44 34.87 12.42
N MET A 489 -1.46 34.54 13.71
CA MET A 489 -1.37 33.15 14.13
C MET A 489 -2.69 32.40 13.98
N TYR A 490 -3.82 33.07 14.18
CA TYR A 490 -5.11 32.40 14.14
C TYR A 490 -5.49 32.03 12.70
N VAL A 491 -5.43 33.00 11.79
CA VAL A 491 -5.79 32.78 10.40
C VAL A 491 -4.89 31.71 9.79
N GLN A 492 -3.61 32.04 9.60
CA GLN A 492 -2.63 31.12 9.04
C GLN A 492 -3.07 30.58 7.68
N SER A 493 -3.85 31.37 6.94
CA SER A 493 -4.38 30.97 5.64
C SER A 493 -4.84 32.22 4.91
N LYS A 494 -5.45 32.02 3.74
CA LYS A 494 -5.99 33.12 2.95
C LYS A 494 -7.44 33.36 3.33
N GLY A 495 -8.13 34.22 2.58
CA GLY A 495 -9.51 34.53 2.86
C GLY A 495 -10.24 35.00 1.62
N ARG A 496 -11.51 35.36 1.81
CA ARG A 496 -12.34 35.84 0.72
C ARG A 496 -12.07 37.34 0.51
N ALA A 497 -12.91 37.98 -0.29
CA ALA A 497 -12.75 39.40 -0.60
C ALA A 497 -14.10 40.09 -0.63
N ARG A 498 -14.06 41.40 -0.42
CA ARG A 498 -15.23 42.29 -0.48
C ARG A 498 -14.89 43.43 -1.44
N THR A 499 -15.76 44.43 -1.49
CA THR A 499 -15.49 45.61 -2.31
C THR A 499 -14.78 46.64 -1.44
N THR A 500 -13.48 46.80 -1.66
CA THR A 500 -12.58 47.64 -0.88
C THR A 500 -11.16 47.43 -1.37
N GLU A 501 -10.21 48.18 -0.82
CA GLU A 501 -8.80 47.81 -0.91
C GLU A 501 -8.42 47.25 0.45
N ALA A 502 -8.30 45.92 0.51
CA ALA A 502 -8.15 45.19 1.77
C ALA A 502 -8.16 43.68 1.51
N LYS A 503 -7.96 42.89 2.56
CA LYS A 503 -8.11 41.45 2.50
C LYS A 503 -9.10 41.00 3.57
N PHE A 504 -9.30 39.68 3.67
CA PHE A 504 -10.21 39.13 4.65
C PHE A 504 -9.55 39.06 6.03
N VAL A 505 -10.27 39.55 7.04
CA VAL A 505 -9.77 39.54 8.41
C VAL A 505 -10.93 39.61 9.38
N LEU A 506 -10.63 39.59 10.68
CA LEU A 506 -11.66 39.66 11.70
C LEU A 506 -12.15 41.09 11.88
N PHE A 507 -13.39 41.23 12.35
CA PHE A 507 -14.00 42.53 12.61
C PHE A 507 -14.56 42.53 14.01
N THR A 508 -14.09 43.46 14.85
CA THR A 508 -14.53 43.57 16.22
C THR A 508 -14.97 45.01 16.50
N ALA A 509 -15.99 45.14 17.34
CA ALA A 509 -16.52 46.46 17.69
C ALA A 509 -15.71 47.14 18.79
N ASP A 510 -14.87 46.40 19.50
CA ASP A 510 -14.07 46.97 20.58
C ASP A 510 -12.87 47.71 20.01
N LYS A 511 -12.56 48.87 20.60
CA LYS A 511 -11.43 49.67 20.15
C LYS A 511 -10.09 49.07 20.55
N GLU A 512 -10.06 48.22 21.58
CA GLU A 512 -8.81 47.61 22.00
C GLU A 512 -8.33 46.55 21.00
N ARG A 513 -9.26 45.85 20.37
CA ARG A 513 -8.86 44.83 19.39
C ARG A 513 -8.38 45.46 18.09
N GLU A 514 -8.98 46.58 17.68
CA GLU A 514 -8.54 47.25 16.46
C GLU A 514 -7.23 48.00 16.65
N LYS A 515 -6.95 48.47 17.87
CA LYS A 515 -5.70 49.17 18.12
C LYS A 515 -4.51 48.21 18.18
N THR A 516 -4.75 46.96 18.57
CA THR A 516 -3.66 45.98 18.62
C THR A 516 -3.23 45.58 17.21
N ILE A 517 -4.19 45.42 16.30
CA ILE A 517 -3.84 45.07 14.92
C ILE A 517 -3.24 46.27 14.20
N GLN A 518 -3.65 47.49 14.57
CA GLN A 518 -3.08 48.68 13.94
C GLN A 518 -1.67 48.96 14.44
N GLN A 519 -1.41 48.68 15.71
CA GLN A 519 -0.06 48.89 16.25
C GLN A 519 0.92 47.86 15.71
N ILE A 520 0.46 46.62 15.48
CA ILE A 520 1.34 45.60 14.93
C ILE A 520 1.63 45.88 13.45
N TYR A 521 0.66 46.42 12.72
CA TYR A 521 0.88 46.75 11.32
C TYR A 521 1.77 47.98 11.18
N GLN A 522 1.62 48.94 12.10
CA GLN A 522 2.48 50.13 12.06
C GLN A 522 3.90 49.80 12.48
N TYR A 523 4.08 48.88 13.42
CA TYR A 523 5.43 48.48 13.84
C TYR A 523 6.11 47.68 12.75
N ARG A 524 5.35 46.87 12.00
CA ARG A 524 5.94 46.10 10.91
C ARG A 524 6.32 47.01 9.75
N LYS A 525 5.53 48.05 9.50
CA LYS A 525 5.85 48.99 8.44
C LYS A 525 7.02 49.90 8.84
N ALA A 526 7.13 50.23 10.12
CA ALA A 526 8.25 51.05 10.58
C ALA A 526 9.54 50.25 10.63
N HIS A 527 9.45 48.94 10.93
CA HIS A 527 10.65 48.11 10.94
C HIS A 527 11.21 47.91 9.54
N ASN A 528 10.32 47.80 8.55
CA ASN A 528 10.78 47.68 7.16
C ASN A 528 11.34 48.99 6.64
N ASP A 529 10.82 50.12 7.11
CA ASP A 529 11.35 51.41 6.69
C ASP A 529 12.67 51.73 7.38
N ILE A 530 12.83 51.30 8.63
CA ILE A 530 14.09 51.51 9.33
C ILE A 530 15.17 50.60 8.79
N ALA A 531 14.80 49.39 8.35
CA ALA A 531 15.78 48.48 7.77
C ALA A 531 16.23 48.96 6.39
N GLU A 532 15.32 49.55 5.62
CA GLU A 532 15.70 50.07 4.30
C GLU A 532 16.58 51.32 4.43
N TYR A 533 16.34 52.14 5.46
CA TYR A 533 17.19 53.32 5.66
C TYR A 533 18.56 52.94 6.19
N LEU A 534 18.65 51.88 7.00
CA LEU A 534 19.94 51.44 7.51
C LEU A 534 20.75 50.72 6.45
N LYS A 535 20.09 49.98 5.55
CA LYS A 535 20.79 49.28 4.48
C LYS A 535 21.31 50.24 3.42
N ASP A 536 20.67 51.39 3.23
CA ASP A 536 21.12 52.36 2.25
C ASP A 536 22.35 53.14 2.70
N ARG A 537 22.70 53.08 3.98
CA ARG A 537 23.88 53.76 4.48
C ARG A 537 25.15 53.05 4.02
N VAL A 538 26.26 53.79 4.03
CA VAL A 538 27.53 53.21 3.61
C VAL A 538 28.00 52.17 4.62
N LEU A 539 28.87 51.27 4.15
CA LEU A 539 29.37 50.21 5.01
C LEU A 539 30.28 50.76 6.10
N GLU A 540 31.00 51.85 5.82
CA GLU A 540 31.89 52.43 6.81
C GLU A 540 31.13 53.23 7.86
N LYS A 541 29.98 53.79 7.49
CA LYS A 541 29.19 54.58 8.45
C LYS A 541 28.43 53.68 9.41
N THR A 542 27.88 52.57 8.91
CA THR A 542 27.14 51.65 9.77
C THR A 542 28.06 50.84 10.67
N GLU A 543 29.29 50.55 10.22
CA GLU A 543 30.25 49.82 11.02
C GLU A 543 30.67 50.65 12.22
N PRO A 544 30.94 51.94 12.04
CA PRO A 544 31.29 52.78 13.20
C PRO A 544 30.14 52.98 14.16
N GLU A 545 28.89 52.93 13.67
CA GLU A 545 27.75 53.09 14.56
C GLU A 545 27.55 51.85 15.43
N LEU A 546 27.76 50.67 14.87
CA LEU A 546 27.63 49.44 15.65
C LEU A 546 28.81 49.24 16.59
N TYR A 547 30.00 49.72 16.22
CA TYR A 547 31.16 49.58 17.10
C TYR A 547 31.07 50.53 18.29
N GLU A 548 30.46 51.71 18.10
CA GLU A 548 30.32 52.64 19.21
C GLU A 548 29.28 52.17 20.22
N ILE A 549 28.25 51.46 19.76
CA ILE A 549 27.23 50.96 20.68
C ILE A 549 27.75 49.76 21.46
N LYS A 550 28.67 48.98 20.87
CA LYS A 550 29.22 47.84 21.58
C LYS A 550 30.22 48.26 22.65
N GLY A 551 30.89 49.39 22.46
CA GLY A 551 31.84 49.92 23.40
C GLY A 551 31.26 50.97 24.31
N HIS A 552 32.09 51.91 24.73
CA HIS A 552 31.66 52.98 25.61
C HIS A 552 30.83 54.01 24.85
N ASP A 717 -5.30 -35.04 -45.28
CA ASP A 717 -5.96 -35.68 -44.15
C ASP A 717 -5.22 -36.95 -43.73
N ALA A 718 -4.92 -37.81 -44.71
CA ALA A 718 -4.21 -39.05 -44.46
C ALA A 718 -2.72 -38.83 -44.71
N LEU A 719 -1.92 -38.93 -43.65
CA LEU A 719 -0.47 -38.74 -43.72
C LEU A 719 0.21 -39.91 -43.01
N PRO A 720 0.23 -41.08 -43.65
CA PRO A 720 0.90 -42.22 -43.01
C PRO A 720 2.40 -42.08 -42.89
N ARG A 721 3.02 -41.26 -43.74
CA ARG A 721 4.45 -40.96 -43.67
C ARG A 721 5.30 -42.18 -44.02
N VAL A 722 4.66 -43.33 -44.24
CA VAL A 722 5.37 -44.57 -44.53
C VAL A 722 4.45 -45.47 -45.34
N GLY A 723 5.02 -46.49 -45.95
CA GLY A 723 4.24 -47.44 -46.73
C GLY A 723 3.50 -48.44 -45.87
N GLU A 724 3.16 -49.59 -46.44
CA GLU A 724 2.43 -50.63 -45.71
C GLU A 724 3.44 -51.60 -45.10
N ILE A 725 3.54 -51.59 -43.77
CA ILE A 725 4.46 -52.46 -43.06
C ILE A 725 3.93 -52.63 -41.64
N CYS A 726 4.41 -53.66 -40.94
CA CYS A 726 4.00 -53.95 -39.58
C CYS A 726 5.22 -53.89 -38.67
N TYR A 727 5.26 -52.88 -37.80
CA TYR A 727 6.31 -52.75 -36.79
C TYR A 727 5.67 -53.00 -35.44
N ALA A 728 6.01 -54.13 -34.82
CA ALA A 728 5.37 -54.54 -33.57
C ALA A 728 6.06 -53.88 -32.39
N TYR A 729 5.30 -53.10 -31.63
CA TYR A 729 5.78 -52.43 -30.43
C TYR A 729 5.06 -53.02 -29.23
N GLU A 730 5.78 -53.74 -28.38
CA GLU A 730 5.20 -54.38 -27.21
C GLU A 730 4.94 -53.36 -26.12
N ILE A 731 3.69 -53.26 -25.68
CA ILE A 731 3.28 -52.35 -24.62
C ILE A 731 3.05 -53.18 -23.36
N PHE A 732 3.92 -52.99 -22.37
CA PHE A 732 3.82 -53.75 -21.12
C PHE A 732 2.91 -53.01 -20.14
N LEU A 733 1.82 -53.66 -19.74
CA LEU A 733 0.87 -53.09 -18.79
C LEU A 733 0.65 -54.11 -17.68
N GLU A 734 1.05 -53.75 -16.46
CA GLU A 734 0.89 -54.62 -15.31
C GLU A 734 0.59 -53.79 -14.09
N PRO A 735 -0.19 -54.31 -13.14
CA PRO A 735 -0.47 -53.55 -11.92
C PRO A 735 0.70 -53.55 -10.97
N GLN A 736 0.72 -52.53 -10.10
CA GLN A 736 1.80 -52.38 -9.14
C GLN A 736 1.32 -52.76 -7.73
N PHE A 737 0.53 -51.89 -7.12
CA PHE A 737 0.03 -52.08 -5.76
C PHE A 737 -0.89 -50.91 -5.43
N GLU A 738 -1.67 -51.09 -4.36
CA GLU A 738 -2.62 -50.09 -3.87
C GLU A 738 -3.27 -50.64 -2.61
N SER A 739 -4.02 -49.78 -1.93
CA SER A 739 -4.74 -50.16 -0.73
C SER A 739 -6.19 -50.46 -1.09
N CYS A 740 -6.60 -51.71 -0.90
CA CYS A 740 -7.96 -52.16 -1.21
C CYS A 740 -8.74 -52.32 0.09
N GLU A 741 -9.74 -51.46 0.30
CA GLU A 741 -10.56 -51.56 1.49
C GLU A 741 -11.56 -52.69 1.40
N TYR A 742 -12.13 -52.91 0.21
CA TYR A 742 -13.10 -53.98 0.01
C TYR A 742 -12.44 -55.36 -0.09
N THR A 743 -11.11 -55.41 -0.11
CA THR A 743 -10.36 -56.67 -0.22
C THR A 743 -10.72 -57.45 -1.48
N GLU A 744 -11.05 -56.73 -2.55
CA GLU A 744 -11.37 -57.36 -3.82
C GLU A 744 -10.10 -57.87 -4.50
N HIS A 745 -10.28 -58.83 -5.40
CA HIS A 745 -9.15 -59.40 -6.13
C HIS A 745 -8.54 -58.36 -7.07
N MET A 746 -7.24 -58.49 -7.28
CA MET A 746 -6.49 -57.56 -8.13
C MET A 746 -6.43 -58.13 -9.54
N TYR A 747 -7.09 -57.46 -10.49
CA TYR A 747 -7.10 -57.87 -11.88
C TYR A 747 -6.03 -57.09 -12.63
N LEU A 748 -5.02 -57.79 -13.13
CA LEU A 748 -3.92 -57.19 -13.86
C LEU A 748 -3.83 -57.79 -15.26
N ASN A 749 -3.33 -56.98 -16.20
CA ASN A 749 -3.17 -57.45 -17.58
C ASN A 749 -2.05 -58.47 -17.71
N LEU A 750 -1.10 -58.49 -16.78
CA LEU A 750 -0.01 -59.45 -16.82
C LEU A 750 -0.42 -60.83 -16.30
N GLN A 751 -1.59 -60.96 -15.69
CA GLN A 751 -2.04 -62.25 -15.18
C GLN A 751 -2.51 -63.18 -16.30
N THR A 752 -2.67 -62.68 -17.52
CA THR A 752 -3.07 -63.50 -18.65
C THR A 752 -1.97 -63.54 -19.69
N PRO A 753 -1.89 -64.61 -20.49
CA PRO A 753 -0.83 -64.68 -21.50
C PRO A 753 -0.99 -63.65 -22.61
N ARG A 754 -2.22 -63.34 -23.00
CA ARG A 754 -2.45 -62.39 -24.08
C ARG A 754 -2.05 -60.98 -23.65
N ASN A 755 -1.22 -60.34 -24.46
CA ASN A 755 -0.74 -58.98 -24.21
C ASN A 755 -1.28 -58.04 -25.30
N TYR A 756 -0.91 -56.77 -25.17
CA TYR A 756 -1.34 -55.73 -26.10
C TYR A 756 -0.11 -55.12 -26.76
N ALA A 757 0.03 -55.31 -28.07
CA ALA A 757 1.13 -54.76 -28.83
C ALA A 757 0.65 -53.54 -29.62
N ILE A 758 1.58 -52.93 -30.35
CA ILE A 758 1.30 -51.75 -31.16
C ILE A 758 1.97 -51.94 -32.51
N LEU A 759 1.16 -51.94 -33.58
CA LEU A 759 1.66 -52.04 -34.96
C LEU A 759 1.34 -50.74 -35.68
N LEU A 760 2.38 -49.96 -35.99
CA LEU A 760 2.22 -48.68 -36.63
C LEU A 760 3.31 -48.48 -37.68
N ARG A 761 3.12 -47.48 -38.52
CA ARG A 761 4.08 -47.13 -39.57
C ARG A 761 5.17 -46.18 -39.07
N ASN A 762 5.16 -45.83 -37.80
CA ASN A 762 6.12 -44.89 -37.22
C ASN A 762 7.08 -45.62 -36.30
N LYS A 763 8.28 -45.07 -36.16
CA LYS A 763 9.32 -45.72 -35.37
C LYS A 763 8.96 -45.63 -33.88
N LEU A 764 9.84 -46.20 -33.05
CA LEU A 764 9.57 -46.31 -31.62
C LEU A 764 10.38 -45.28 -30.84
N PRO A 765 9.75 -44.25 -30.29
CA PRO A 765 10.46 -43.33 -29.40
C PRO A 765 10.73 -43.98 -28.05
N ARG A 766 11.61 -43.34 -27.27
CA ARG A 766 11.92 -43.79 -25.92
C ARG A 766 10.65 -44.07 -25.13
N LEU A 767 9.88 -43.03 -24.83
CA LEU A 767 8.54 -43.15 -24.26
C LEU A 767 8.55 -43.99 -22.98
N ALA A 768 9.10 -43.39 -21.93
CA ALA A 768 9.18 -44.07 -20.64
C ALA A 768 7.79 -44.20 -20.02
N GLU A 769 7.74 -44.81 -18.84
CA GLU A 769 6.47 -45.11 -18.20
C GLU A 769 5.84 -43.84 -17.64
N MET A 770 4.63 -44.00 -17.09
CA MET A 770 3.88 -42.91 -16.48
C MET A 770 3.06 -43.47 -15.32
N PRO A 771 2.81 -42.65 -14.30
CA PRO A 771 2.01 -43.13 -13.16
C PRO A 771 0.53 -43.18 -13.50
N LEU A 772 -0.17 -44.09 -12.82
CA LEU A 772 -1.60 -44.26 -13.00
C LEU A 772 -2.17 -44.94 -11.76
N PHE A 773 -3.48 -45.16 -11.77
CA PHE A 773 -4.15 -45.81 -10.66
C PHE A 773 -5.43 -46.46 -11.16
N SER A 774 -5.92 -47.42 -10.37
CA SER A 774 -7.14 -48.15 -10.71
C SER A 774 -7.65 -48.83 -9.44
N ASN A 775 -8.73 -49.61 -9.60
CA ASN A 775 -9.27 -50.34 -8.46
C ASN A 775 -8.36 -51.49 -8.04
N GLN A 776 -7.71 -52.14 -9.00
CA GLN A 776 -6.80 -53.24 -8.66
C GLN A 776 -5.46 -52.73 -8.16
N GLY A 777 -4.98 -51.62 -8.69
CA GLY A 777 -3.70 -51.08 -8.26
C GLY A 777 -3.18 -50.08 -9.27
N LYS A 778 -2.00 -49.55 -8.95
CA LYS A 778 -1.34 -48.60 -9.83
C LYS A 778 -0.87 -49.28 -11.11
N LEU A 779 -1.03 -48.58 -12.23
CA LEU A 779 -0.70 -49.11 -13.54
C LEU A 779 0.45 -48.33 -14.16
N HIS A 780 1.21 -49.01 -15.02
CA HIS A 780 2.32 -48.41 -15.73
C HIS A 780 2.39 -49.00 -17.13
N VAL A 781 2.74 -48.16 -18.10
CA VAL A 781 2.79 -48.56 -19.51
C VAL A 781 4.19 -48.28 -20.03
N ARG A 782 4.91 -49.34 -20.41
CA ARG A 782 6.23 -49.23 -21.02
C ARG A 782 6.14 -49.51 -22.51
N VAL A 783 6.91 -48.77 -23.30
CA VAL A 783 6.85 -48.82 -24.75
C VAL A 783 8.20 -49.29 -25.27
N ALA A 784 8.22 -50.48 -25.87
CA ALA A 784 9.39 -50.99 -26.58
C ALA A 784 8.90 -51.90 -27.71
N ASN A 785 9.83 -52.38 -28.52
CA ASN A 785 9.51 -53.25 -29.66
C ASN A 785 10.25 -54.57 -29.50
N ALA A 786 9.51 -55.65 -29.20
CA ALA A 786 10.11 -56.97 -29.25
C ALA A 786 10.38 -57.41 -30.70
N PRO A 787 9.40 -57.39 -31.59
CA PRO A 787 9.65 -57.80 -32.98
C PRO A 787 9.97 -56.61 -33.88
N LEU A 788 10.16 -56.87 -35.17
CA LEU A 788 10.46 -55.87 -36.18
C LEU A 788 10.51 -56.55 -37.53
N GLU A 789 10.46 -55.73 -38.60
CA GLU A 789 10.52 -56.21 -39.98
C GLU A 789 9.42 -57.23 -40.28
N VAL A 790 8.18 -56.84 -39.98
CA VAL A 790 7.02 -57.69 -40.24
C VAL A 790 6.11 -56.99 -41.24
N ILE A 791 5.30 -57.78 -41.94
CA ILE A 791 4.36 -57.27 -42.92
C ILE A 791 3.20 -58.25 -43.05
N ILE A 792 2.06 -57.76 -43.52
CA ILE A 792 0.88 -58.59 -43.73
C ILE A 792 0.84 -59.04 -45.19
N GLN A 793 -0.16 -59.84 -45.55
CA GLN A 793 -0.30 -60.37 -46.90
C GLN A 793 -1.62 -59.91 -47.49
N ASN A 794 -1.55 -59.03 -48.49
CA ASN A 794 -2.71 -58.52 -49.24
C ASN A 794 -3.73 -57.98 -48.25
N SER A 795 -5.03 -58.23 -48.45
CA SER A 795 -6.08 -57.74 -47.57
C SER A 795 -6.49 -58.75 -46.52
N GLU A 796 -5.82 -59.89 -46.44
CA GLU A 796 -6.20 -60.94 -45.49
C GLU A 796 -5.83 -60.54 -44.07
N GLN A 797 -4.53 -60.48 -43.78
CA GLN A 797 -4.09 -60.12 -42.44
C GLN A 797 -4.17 -58.62 -42.20
N LEU A 798 -4.11 -57.82 -43.27
CA LEU A 798 -4.15 -56.37 -43.13
C LEU A 798 -5.54 -55.90 -42.70
N GLU A 799 -6.57 -56.30 -43.44
CA GLU A 799 -7.93 -55.88 -43.12
C GLU A 799 -8.52 -56.64 -41.94
N LEU A 800 -7.84 -57.69 -41.46
CA LEU A 800 -8.32 -58.41 -40.29
C LEU A 800 -8.25 -57.54 -39.04
N LEU A 801 -7.12 -56.86 -38.85
CA LEU A 801 -6.98 -55.93 -37.73
C LEU A 801 -7.65 -54.59 -38.00
N HIS A 802 -8.05 -54.33 -39.25
CA HIS A 802 -8.72 -53.08 -39.58
C HIS A 802 -10.17 -53.10 -39.13
N GLN A 803 -10.97 -54.01 -39.69
CA GLN A 803 -12.38 -54.12 -39.30
C GLN A 803 -12.53 -54.47 -37.83
N PHE A 804 -11.56 -55.19 -37.26
CA PHE A 804 -11.59 -55.47 -35.82
C PHE A 804 -11.39 -54.19 -35.02
N HIS A 805 -10.53 -53.29 -35.50
CA HIS A 805 -10.35 -52.02 -34.82
C HIS A 805 -11.52 -51.08 -35.06
N GLY A 806 -12.09 -51.08 -36.26
CA GLY A 806 -13.26 -50.28 -36.53
C GLY A 806 -14.47 -50.72 -35.73
N MET A 807 -14.59 -52.02 -35.49
CA MET A 807 -15.68 -52.52 -34.64
C MET A 807 -15.41 -52.24 -33.17
N VAL A 808 -14.15 -52.25 -32.75
CA VAL A 808 -13.82 -51.96 -31.36
C VAL A 808 -14.05 -50.51 -31.02
N PHE A 809 -14.10 -49.62 -32.02
CA PHE A 809 -14.38 -48.22 -31.79
C PHE A 809 -15.74 -48.02 -31.13
N ARG A 810 -16.82 -48.34 -31.85
CA ARG A 810 -18.15 -48.08 -31.36
C ARG A 810 -18.63 -49.13 -30.37
N ASP A 811 -18.35 -50.41 -30.63
CA ASP A 811 -18.94 -51.50 -29.89
C ASP A 811 -18.23 -51.79 -28.56
N ILE A 812 -17.15 -51.09 -28.24
CA ILE A 812 -16.44 -51.26 -26.97
C ILE A 812 -16.50 -49.99 -26.12
N LEU A 813 -15.91 -48.90 -26.62
CA LEU A 813 -15.93 -47.65 -25.85
C LEU A 813 -17.34 -47.10 -25.71
N LYS A 814 -18.13 -47.18 -26.79
CA LYS A 814 -19.52 -46.72 -26.81
C LYS A 814 -19.62 -45.24 -26.41
N ILE A 815 -19.04 -44.40 -27.27
CA ILE A 815 -19.05 -42.97 -27.08
C ILE A 815 -19.29 -42.30 -28.42
N TRP A 816 -19.91 -41.12 -28.39
CA TRP A 816 -20.19 -40.39 -29.62
C TRP A 816 -18.90 -39.86 -30.24
N HIS A 817 -18.11 -39.12 -29.45
CA HIS A 817 -16.85 -38.56 -29.94
C HIS A 817 -15.68 -39.18 -29.18
N PRO A 818 -14.88 -40.02 -29.82
CA PRO A 818 -13.70 -40.55 -29.12
C PRO A 818 -12.64 -39.48 -28.85
N PHE A 819 -12.50 -38.51 -29.74
CA PHE A 819 -11.51 -37.45 -29.59
C PHE A 819 -12.04 -36.25 -28.82
N PHE A 820 -13.27 -36.31 -28.30
CA PHE A 820 -13.89 -35.23 -27.55
C PHE A 820 -13.96 -33.95 -28.38
N VAL A 821 -14.80 -34.02 -29.42
CA VAL A 821 -15.07 -32.89 -30.30
C VAL A 821 -13.80 -32.38 -30.94
N LEU A 822 -13.23 -33.17 -31.86
CA LEU A 822 -12.06 -32.73 -32.61
C LEU A 822 -12.42 -31.53 -33.49
N ASP A 823 -11.41 -30.73 -33.82
CA ASP A 823 -11.62 -29.51 -34.61
C ASP A 823 -10.90 -29.60 -35.95
N ARG A 824 -9.56 -29.60 -35.97
CA ARG A 824 -8.85 -29.68 -37.23
C ARG A 824 -9.05 -31.02 -37.92
N ARG A 825 -9.16 -32.10 -37.15
CA ARG A 825 -9.41 -33.45 -37.66
C ARG A 825 -8.33 -33.88 -38.65
N SER A 826 -7.11 -34.01 -38.13
CA SER A 826 -5.95 -34.48 -38.87
C SER A 826 -4.76 -34.55 -37.93
N LYS A 827 -3.77 -35.35 -38.32
CA LYS A 827 -2.60 -35.63 -37.49
C LYS A 827 -1.68 -36.63 -38.19
N GLU A 828 -0.54 -36.94 -37.57
CA GLU A 828 0.26 -38.07 -38.02
C GLU A 828 -0.58 -39.34 -37.95
N ASN A 829 -0.62 -40.08 -39.05
CA ASN A 829 -1.57 -41.17 -39.21
C ASN A 829 -1.01 -42.45 -38.58
N SER A 830 -1.71 -42.95 -37.56
CA SER A 830 -1.50 -44.29 -37.01
C SER A 830 -2.86 -44.96 -36.93
N TYR A 831 -3.06 -46.01 -37.72
CA TYR A 831 -4.40 -46.55 -37.91
C TYR A 831 -4.91 -47.25 -36.66
N LEU A 832 -4.17 -48.25 -36.18
CA LEU A 832 -4.64 -49.03 -35.04
C LEU A 832 -3.46 -49.75 -34.41
N VAL A 833 -3.68 -50.19 -33.17
CA VAL A 833 -2.77 -51.11 -32.48
C VAL A 833 -3.47 -52.46 -32.35
N VAL A 834 -2.70 -53.52 -32.53
CA VAL A 834 -3.27 -54.86 -32.56
C VAL A 834 -2.72 -55.69 -31.40
N PRO A 835 -3.51 -56.59 -30.82
CA PRO A 835 -3.00 -57.44 -29.75
C PRO A 835 -2.15 -58.58 -30.28
N LEU A 836 -1.29 -59.10 -29.40
CA LEU A 836 -0.41 -60.21 -29.71
C LEU A 836 -0.59 -61.30 -28.68
N ILE A 837 -1.02 -62.47 -29.12
CA ILE A 837 -1.20 -63.61 -28.22
C ILE A 837 0.15 -64.28 -27.98
N LEU A 838 0.41 -64.63 -26.73
CA LEU A 838 1.68 -65.23 -26.36
C LEU A 838 1.65 -66.73 -26.63
N GLY A 839 2.70 -67.23 -27.27
CA GLY A 839 2.85 -68.65 -27.55
C GLY A 839 3.55 -69.38 -26.43
N ALA A 840 4.26 -70.44 -26.80
CA ALA A 840 5.04 -71.19 -25.82
C ALA A 840 6.14 -70.32 -25.22
N GLY A 841 6.18 -70.25 -23.90
CA GLY A 841 7.14 -69.40 -23.23
C GLY A 841 6.67 -67.95 -23.18
N GLU A 842 7.64 -67.04 -23.21
CA GLU A 842 7.36 -65.61 -23.17
C GLU A 842 7.29 -64.98 -24.56
N GLN A 843 7.46 -65.77 -25.62
CA GLN A 843 7.43 -65.24 -26.97
C GLN A 843 5.98 -65.04 -27.44
N LYS A 844 5.72 -63.89 -28.06
CA LYS A 844 4.41 -63.55 -28.58
C LYS A 844 4.53 -63.32 -30.08
N CYS A 845 3.88 -64.18 -30.85
CA CYS A 845 3.90 -64.09 -32.31
C CYS A 845 2.71 -63.28 -32.80
N PHE A 846 2.55 -63.18 -34.11
CA PHE A 846 1.46 -62.43 -34.72
C PHE A 846 0.33 -63.40 -35.05
N ASP A 847 -0.81 -63.22 -34.38
CA ASP A 847 -1.98 -64.07 -34.58
C ASP A 847 -3.14 -63.19 -35.01
N TRP A 848 -3.65 -63.43 -36.23
CA TRP A 848 -4.76 -62.67 -36.76
C TRP A 848 -6.12 -63.27 -36.42
N GLU A 849 -6.15 -64.46 -35.83
CA GLU A 849 -7.42 -65.09 -35.48
C GLU A 849 -8.01 -64.49 -34.21
N LEU A 850 -7.18 -63.87 -33.36
CA LEU A 850 -7.70 -63.29 -32.13
C LEU A 850 -8.48 -62.00 -32.39
N MET A 851 -8.10 -61.26 -33.44
CA MET A 851 -8.81 -60.02 -33.75
C MET A 851 -10.17 -60.28 -34.40
N THR A 852 -10.26 -61.32 -35.22
CA THR A 852 -11.53 -61.63 -35.88
C THR A 852 -12.51 -62.33 -34.93
N ASN A 853 -12.00 -63.05 -33.94
CA ASN A 853 -12.88 -63.76 -33.01
C ASN A 853 -13.49 -62.83 -31.98
N PHE A 854 -12.77 -61.79 -31.56
CA PHE A 854 -13.30 -60.87 -30.56
C PHE A 854 -14.34 -59.91 -31.13
N ARG A 855 -14.16 -59.49 -32.38
CA ARG A 855 -15.10 -58.55 -32.99
C ARG A 855 -16.38 -59.23 -33.46
N ARG A 856 -16.30 -60.53 -33.77
CA ARG A 856 -17.45 -61.28 -34.26
C ARG A 856 -18.22 -62.00 -33.16
N LEU A 857 -17.81 -61.84 -31.91
CA LEU A 857 -18.49 -62.52 -30.81
C LEU A 857 -19.82 -61.85 -30.51
N PRO A 858 -20.96 -62.52 -30.72
CA PRO A 858 -22.25 -61.88 -30.40
C PRO A 858 -22.50 -61.74 -28.91
N GLN A 859 -21.80 -62.51 -28.06
CA GLN A 859 -22.05 -62.48 -26.63
C GLN A 859 -21.53 -61.20 -25.96
N SER A 860 -20.82 -60.34 -26.69
CA SER A 860 -20.28 -59.13 -26.10
C SER A 860 -21.38 -58.17 -25.69
N HIS A 861 -22.45 -58.10 -26.49
CA HIS A 861 -23.55 -57.19 -26.20
C HIS A 861 -24.89 -57.90 -26.21
N GLY A 862 -25.32 -58.38 -27.38
CA GLY A 862 -26.63 -59.02 -27.49
C GLY A 862 -26.63 -60.37 -26.80
N SER A 863 -27.65 -60.60 -25.97
CA SER A 863 -27.83 -61.85 -25.27
C SER A 863 -28.80 -62.75 -26.05
N ASN A 864 -29.14 -63.89 -25.47
CA ASN A 864 -30.05 -64.85 -26.07
C ASN A 864 -31.30 -65.00 -25.21
N VAL A 865 -32.20 -65.87 -25.65
CA VAL A 865 -33.45 -66.14 -24.95
C VAL A 865 -33.52 -67.66 -24.72
N GLN A 866 -33.62 -68.05 -23.45
CA GLN A 866 -33.67 -69.46 -23.08
C GLN A 866 -35.11 -69.94 -23.12
N GLN A 867 -35.39 -70.91 -23.98
CA GLN A 867 -36.71 -71.49 -24.12
C GLN A 867 -36.75 -72.87 -23.47
N ARG A 868 -37.91 -73.53 -23.56
CA ARG A 868 -38.06 -74.86 -22.99
C ARG A 868 -37.26 -75.92 -23.74
N GLU A 869 -36.78 -75.62 -24.95
CA GLU A 869 -36.00 -76.59 -25.71
C GLU A 869 -34.56 -76.68 -25.20
N GLN A 870 -33.99 -75.55 -24.77
CA GLN A 870 -32.61 -75.51 -24.29
C GLN A 870 -32.58 -74.78 -22.96
N GLN A 871 -32.18 -75.49 -21.91
CA GLN A 871 -32.05 -74.90 -20.57
C GLN A 871 -30.58 -74.86 -20.19
N PRO A 872 -29.99 -73.69 -19.96
CA PRO A 872 -28.57 -73.63 -19.62
C PRO A 872 -28.28 -74.34 -18.31
N ALA A 873 -27.28 -75.23 -18.34
CA ALA A 873 -26.84 -75.98 -17.18
C ALA A 873 -25.73 -75.23 -16.45
N PRO A 874 -25.53 -75.52 -15.17
CA PRO A 874 -24.43 -74.89 -14.43
C PRO A 874 -23.08 -75.29 -15.03
N ARG A 875 -22.23 -74.29 -15.26
CA ARG A 875 -20.92 -74.48 -15.88
C ARG A 875 -19.86 -73.78 -15.03
N PRO A 876 -19.29 -74.46 -14.04
CA PRO A 876 -18.24 -73.82 -13.23
C PRO A 876 -16.98 -73.51 -14.01
N GLU A 877 -16.67 -74.30 -15.04
CA GLU A 877 -15.48 -74.03 -15.85
C GLU A 877 -15.68 -72.85 -16.77
N ASP A 878 -16.89 -72.67 -17.31
CA ASP A 878 -17.18 -71.56 -18.21
C ASP A 878 -17.48 -70.27 -17.47
N PHE A 879 -17.78 -70.32 -16.18
CA PHE A 879 -18.07 -69.15 -15.38
C PHE A 879 -16.85 -68.61 -14.64
N GLU A 880 -15.70 -69.25 -14.77
CA GLU A 880 -14.49 -68.84 -14.08
C GLU A 880 -14.10 -67.41 -14.43
N GLY A 881 -13.68 -67.18 -15.66
CA GLY A 881 -13.26 -65.85 -16.11
C GLY A 881 -14.18 -65.15 -17.08
N LYS A 882 -15.38 -65.66 -17.31
CA LYS A 882 -16.28 -65.11 -18.31
C LYS A 882 -17.27 -64.14 -17.67
N ILE A 883 -17.56 -63.05 -18.39
CA ILE A 883 -18.54 -62.08 -17.90
C ILE A 883 -19.96 -62.63 -18.08
N VAL A 884 -20.89 -62.07 -17.32
CA VAL A 884 -22.30 -62.45 -17.38
C VAL A 884 -23.14 -61.23 -17.71
N THR A 885 -24.34 -61.50 -18.21
CA THR A 885 -25.27 -60.44 -18.60
C THR A 885 -26.67 -60.84 -18.15
N GLN A 886 -27.66 -60.00 -18.50
CA GLN A 886 -29.05 -60.23 -18.15
C GLN A 886 -29.83 -60.51 -19.43
N TRP A 887 -30.30 -61.75 -19.59
CA TRP A 887 -31.02 -62.15 -20.79
C TRP A 887 -32.49 -61.75 -20.75
N TYR A 888 -33.04 -61.44 -19.58
CA TYR A 888 -34.47 -61.16 -19.45
C TYR A 888 -34.74 -59.66 -19.35
N ALA A 889 -34.42 -59.03 -18.22
CA ALA A 889 -34.71 -57.62 -18.02
C ALA A 889 -33.60 -56.98 -17.20
N ASN A 890 -33.58 -55.65 -17.22
CA ASN A 890 -32.59 -54.84 -16.51
C ASN A 890 -31.17 -55.21 -16.93
N TYR A 891 -30.88 -54.95 -18.20
CA TYR A 891 -29.56 -55.19 -18.78
C TYR A 891 -29.01 -53.87 -19.30
N ASP A 892 -27.96 -53.37 -18.65
CA ASP A 892 -27.31 -52.14 -19.09
C ASP A 892 -25.80 -52.35 -19.18
N LYS A 893 -25.15 -52.52 -18.03
CA LYS A 893 -23.71 -52.78 -17.98
C LYS A 893 -23.47 -54.21 -17.50
N PRO A 894 -22.80 -55.05 -18.28
CA PRO A 894 -22.57 -56.43 -17.85
C PRO A 894 -21.64 -56.52 -16.65
N MET A 895 -21.40 -57.74 -16.16
CA MET A 895 -20.55 -57.94 -15.00
C MET A 895 -19.81 -59.26 -15.15
N LEU A 896 -18.58 -59.29 -14.62
CA LEU A 896 -17.75 -60.49 -14.67
C LEU A 896 -18.00 -61.36 -13.45
N VAL A 897 -18.10 -62.67 -13.68
CA VAL A 897 -18.32 -63.63 -12.60
C VAL A 897 -16.95 -64.15 -12.17
N THR A 898 -16.58 -63.83 -10.93
CA THR A 898 -15.27 -64.24 -10.43
C THR A 898 -15.25 -65.71 -10.01
N LYS A 899 -16.30 -66.16 -9.31
CA LYS A 899 -16.38 -67.53 -8.85
C LYS A 899 -17.83 -68.00 -8.90
N VAL A 900 -18.01 -69.31 -8.83
CA VAL A 900 -19.32 -69.94 -8.86
C VAL A 900 -19.61 -70.52 -7.48
N HIS A 901 -20.84 -70.35 -7.02
CA HIS A 901 -21.28 -70.83 -5.72
C HIS A 901 -22.24 -72.01 -5.94
N ARG A 902 -21.83 -73.20 -5.49
CA ARG A 902 -22.68 -74.37 -5.63
C ARG A 902 -23.87 -74.33 -4.68
N GLU A 903 -23.67 -73.85 -3.45
CA GLU A 903 -24.76 -73.77 -2.48
C GLU A 903 -25.77 -72.68 -2.81
N LEU A 904 -25.40 -71.70 -3.62
CA LEU A 904 -26.30 -70.61 -4.01
C LEU A 904 -26.96 -70.96 -5.33
N THR A 905 -28.28 -70.92 -5.37
CA THR A 905 -29.07 -71.25 -6.55
C THR A 905 -30.19 -70.23 -6.67
N PRO A 906 -30.83 -70.16 -7.84
CA PRO A 906 -31.97 -69.23 -8.00
C PRO A 906 -33.12 -69.51 -7.05
N LEU A 907 -33.26 -70.75 -6.59
CA LEU A 907 -34.28 -71.10 -5.60
C LEU A 907 -33.76 -71.07 -4.17
N SER A 908 -32.49 -70.72 -3.97
CA SER A 908 -31.88 -70.68 -2.65
C SER A 908 -32.17 -69.34 -1.99
N TYR A 909 -31.54 -69.08 -0.85
CA TYR A 909 -31.79 -67.86 -0.10
C TYR A 909 -31.21 -66.64 -0.84
N MET A 910 -32.07 -65.65 -1.08
CA MET A 910 -31.66 -64.43 -1.76
C MET A 910 -30.91 -63.51 -0.80
N GLU A 911 -30.07 -62.66 -1.38
CA GLU A 911 -29.30 -61.70 -0.60
C GLU A 911 -30.16 -60.57 -0.04
N LYS A 912 -31.41 -60.48 -0.44
CA LYS A 912 -32.32 -59.44 0.02
C LYS A 912 -33.51 -60.07 0.73
N ASN A 913 -34.15 -59.27 1.60
CA ASN A 913 -35.29 -59.73 2.39
C ASN A 913 -36.61 -59.58 1.65
N GLN A 914 -36.61 -58.98 0.45
CA GLN A 914 -37.83 -58.82 -0.34
C GLN A 914 -38.45 -60.19 -0.65
N GLN A 915 -37.78 -60.99 -1.47
CA GLN A 915 -38.22 -62.33 -1.79
C GLN A 915 -37.62 -63.30 -0.77
N ASP A 916 -38.48 -64.01 -0.04
CA ASP A 916 -38.01 -64.87 1.03
C ASP A 916 -37.50 -66.18 0.48
N LYS A 917 -36.21 -66.45 0.71
CA LYS A 917 -35.56 -67.72 0.37
C LYS A 917 -35.68 -68.04 -1.12
N THR A 918 -35.83 -67.01 -1.96
CA THR A 918 -35.87 -67.21 -3.40
C THR A 918 -35.16 -66.07 -4.10
N TYR A 919 -34.21 -66.41 -4.97
CA TYR A 919 -33.52 -65.39 -5.76
C TYR A 919 -34.33 -64.95 -6.97
N TYR A 920 -35.06 -65.88 -7.60
CA TYR A 920 -35.77 -65.55 -8.83
C TYR A 920 -37.16 -64.99 -8.57
N GLU A 921 -37.62 -65.02 -7.31
CA GLU A 921 -38.93 -64.47 -7.01
C GLU A 921 -38.95 -62.96 -7.10
N PHE A 922 -37.79 -62.32 -6.96
CA PHE A 922 -37.73 -60.86 -7.08
C PHE A 922 -37.92 -60.42 -8.52
N THR A 923 -37.46 -61.22 -9.49
CA THR A 923 -37.64 -60.87 -10.89
C THR A 923 -39.06 -61.13 -11.38
N MET A 924 -39.73 -62.16 -10.84
CA MET A 924 -41.09 -62.45 -11.25
C MET A 924 -42.10 -61.47 -10.65
N SER A 925 -41.77 -60.89 -9.50
CA SER A 925 -42.66 -59.94 -8.85
C SER A 925 -42.49 -58.50 -9.33
N LYS A 926 -41.58 -58.27 -10.28
CA LYS A 926 -41.33 -56.93 -10.80
C LYS A 926 -41.66 -56.86 -12.29
N TYR A 927 -40.84 -57.47 -13.15
CA TYR A 927 -41.04 -57.44 -14.58
C TYR A 927 -41.79 -58.66 -15.12
N GLY A 928 -42.15 -59.60 -14.25
CA GLY A 928 -42.85 -60.79 -14.68
C GLY A 928 -41.99 -61.84 -15.35
N ASN A 929 -40.67 -61.78 -15.18
CA ASN A 929 -39.78 -62.76 -15.77
C ASN A 929 -39.95 -64.13 -15.10
N ARG A 930 -39.49 -65.16 -15.80
CA ARG A 930 -39.60 -66.52 -15.30
C ARG A 930 -38.62 -66.74 -14.15
N ILE A 931 -38.62 -67.95 -13.61
CA ILE A 931 -37.79 -68.31 -12.46
C ILE A 931 -36.65 -69.20 -12.95
N GLY A 932 -35.43 -68.72 -12.78
CA GLY A 932 -34.25 -69.48 -13.16
C GLY A 932 -34.17 -69.78 -14.64
N ASP A 933 -34.24 -68.74 -15.47
CA ASP A 933 -34.24 -68.85 -16.93
C ASP A 933 -35.42 -69.74 -17.31
N VAL A 934 -35.21 -70.86 -18.01
CA VAL A 934 -36.30 -71.74 -18.42
C VAL A 934 -36.14 -73.07 -17.69
N VAL A 935 -37.03 -73.32 -16.72
CA VAL A 935 -37.24 -74.63 -16.13
C VAL A 935 -36.05 -75.13 -15.32
N HIS A 936 -34.93 -74.40 -15.36
CA HIS A 936 -33.71 -74.87 -14.70
C HIS A 936 -33.63 -74.27 -13.30
N LYS A 937 -33.85 -75.10 -12.28
CA LYS A 937 -33.66 -74.74 -10.89
C LYS A 937 -32.21 -74.91 -10.43
N ASP A 938 -31.58 -76.01 -10.83
CA ASP A 938 -30.30 -76.45 -10.28
C ASP A 938 -29.12 -75.62 -10.74
N LYS A 939 -29.30 -74.69 -11.67
CA LYS A 939 -28.19 -73.88 -12.14
C LYS A 939 -27.56 -73.10 -10.99
N PHE A 940 -26.24 -73.24 -10.86
CA PHE A 940 -25.52 -72.61 -9.77
C PHE A 940 -25.41 -71.10 -9.97
N MET A 941 -25.20 -70.39 -8.88
CA MET A 941 -25.08 -68.93 -8.92
C MET A 941 -23.62 -68.53 -9.09
N ILE A 942 -23.37 -67.22 -9.13
CA ILE A 942 -22.03 -66.67 -9.28
C ILE A 942 -22.02 -65.26 -8.71
N GLU A 943 -20.82 -64.76 -8.42
CA GLU A 943 -20.64 -63.42 -7.88
C GLU A 943 -20.36 -62.47 -9.03
N VAL A 944 -21.29 -61.55 -9.28
CA VAL A 944 -21.16 -60.60 -10.38
C VAL A 944 -20.30 -59.43 -9.93
N ARG A 945 -19.34 -59.04 -10.77
CA ARG A 945 -18.46 -57.91 -10.49
C ARG A 945 -18.56 -56.93 -11.65
N ASP A 946 -19.07 -55.73 -11.38
CA ASP A 946 -19.25 -54.72 -12.40
C ASP A 946 -17.94 -54.00 -12.68
N LEU A 947 -17.67 -53.76 -13.96
CA LEU A 947 -16.47 -53.06 -14.40
C LEU A 947 -16.67 -51.55 -14.51
N THR A 948 -17.85 -51.04 -14.16
CA THR A 948 -18.11 -49.62 -14.26
C THR A 948 -17.25 -48.84 -13.28
N GLU A 949 -16.64 -47.77 -13.76
CA GLU A 949 -15.76 -46.94 -12.95
C GLU A 949 -15.89 -45.50 -13.42
N GLN A 950 -15.00 -44.63 -12.93
CA GLN A 950 -15.02 -43.23 -13.33
C GLN A 950 -14.68 -43.09 -14.81
N LEU A 951 -15.18 -42.01 -15.42
CA LEU A 951 -14.94 -41.72 -16.83
C LEU A 951 -13.46 -41.65 -17.14
N THR A 952 -12.78 -40.64 -16.61
CA THR A 952 -11.35 -40.45 -16.84
C THR A 952 -10.57 -41.28 -15.83
N PHE A 953 -9.76 -42.20 -16.35
CA PHE A 953 -8.94 -43.09 -15.51
C PHE A 953 -7.57 -42.51 -15.20
N TYR A 954 -7.27 -41.29 -15.66
CA TYR A 954 -5.99 -40.67 -15.35
C TYR A 954 -5.88 -40.37 -13.87
N VAL A 955 -6.89 -39.71 -13.31
CA VAL A 955 -6.92 -39.46 -11.86
C VAL A 955 -7.24 -40.75 -11.13
N HIS A 956 -6.89 -40.79 -9.84
CA HIS A 956 -7.14 -41.96 -9.02
C HIS A 956 -8.63 -42.08 -8.70
N ASN A 957 -8.97 -43.13 -7.97
CA ASN A 957 -10.36 -43.39 -7.59
C ASN A 957 -10.64 -42.92 -6.17
N VAL A 971 -24.04 -58.17 -4.85
CA VAL A 971 -24.40 -58.48 -6.23
C VAL A 971 -23.98 -59.91 -6.57
N ILE A 972 -24.98 -60.79 -6.69
CA ILE A 972 -24.76 -62.19 -7.01
C ILE A 972 -25.75 -62.59 -8.09
N LEU A 973 -25.23 -63.03 -9.23
CA LEU A 973 -26.06 -63.46 -10.35
C LEU A 973 -26.15 -64.98 -10.38
N ILE A 974 -26.87 -65.50 -11.37
CA ILE A 974 -27.04 -66.95 -11.52
C ILE A 974 -26.67 -67.34 -12.94
N PRO A 975 -26.07 -68.51 -13.15
CA PRO A 975 -25.72 -68.92 -14.53
C PRO A 975 -26.92 -69.24 -15.40
N GLU A 976 -28.08 -69.50 -14.80
CA GLU A 976 -29.30 -69.79 -15.56
C GLU A 976 -29.67 -68.64 -16.48
N LEU A 977 -30.07 -67.50 -15.90
CA LEU A 977 -30.52 -66.36 -16.68
C LEU A 977 -29.38 -65.59 -17.33
N CYS A 978 -28.13 -65.92 -17.04
CA CYS A 978 -26.98 -65.22 -17.60
C CYS A 978 -26.31 -66.06 -18.66
N PHE A 979 -25.80 -65.40 -19.69
CA PHE A 979 -25.09 -66.05 -20.78
C PHE A 979 -23.59 -65.91 -20.58
N ASN A 980 -22.85 -66.97 -20.91
CA ASN A 980 -21.40 -66.97 -20.72
C ASN A 980 -20.73 -66.21 -21.86
N PHE A 981 -20.01 -65.15 -21.53
CA PHE A 981 -19.30 -64.35 -22.51
C PHE A 981 -18.00 -65.05 -22.92
N ASN A 982 -17.52 -64.69 -24.12
CA ASN A 982 -16.26 -65.22 -24.63
C ASN A 982 -15.07 -64.32 -24.33
N PHE A 983 -15.31 -63.16 -23.70
CA PHE A 983 -14.24 -62.22 -23.37
C PHE A 983 -13.87 -62.35 -21.90
N PRO A 984 -12.59 -62.51 -21.58
CA PRO A 984 -12.20 -62.60 -20.17
C PRO A 984 -12.33 -61.25 -19.46
N GLY A 985 -12.36 -61.32 -18.14
CA GLY A 985 -12.49 -60.12 -17.33
C GLY A 985 -11.22 -59.29 -17.27
N ASP A 986 -10.07 -59.96 -17.13
CA ASP A 986 -8.79 -59.26 -17.05
C ASP A 986 -8.30 -58.76 -18.40
N LEU A 987 -8.76 -59.36 -19.49
CA LEU A 987 -8.32 -58.93 -20.81
C LEU A 987 -9.00 -57.64 -21.27
N TRP A 988 -10.22 -57.40 -20.79
CA TRP A 988 -10.97 -56.21 -21.17
C TRP A 988 -10.75 -55.03 -20.22
N LEU A 989 -9.89 -55.19 -19.23
CA LEU A 989 -9.64 -54.09 -18.29
C LEU A 989 -8.73 -53.03 -18.89
N LYS A 990 -7.69 -53.46 -19.61
CA LYS A 990 -6.74 -52.53 -20.22
C LYS A 990 -7.19 -52.03 -21.58
N LEU A 991 -8.24 -52.61 -22.16
CA LEU A 991 -8.70 -52.19 -23.47
C LEU A 991 -9.50 -50.88 -23.41
N ILE A 992 -10.18 -50.62 -22.29
CA ILE A 992 -10.97 -49.40 -22.14
C ILE A 992 -10.19 -48.26 -21.53
N PHE A 993 -8.92 -48.47 -21.18
CA PHE A 993 -8.09 -47.43 -20.58
C PHE A 993 -7.28 -46.66 -21.62
N LEU A 994 -7.45 -46.96 -22.91
CA LEU A 994 -6.71 -46.30 -23.97
C LEU A 994 -7.10 -44.82 -24.05
N PRO A 995 -8.39 -44.50 -23.90
CA PRO A 995 -8.80 -43.08 -24.00
C PRO A 995 -8.24 -42.23 -22.87
N SER A 996 -8.12 -42.77 -21.66
CA SER A 996 -7.61 -41.98 -20.55
C SER A 996 -6.10 -41.80 -20.60
N ILE A 997 -5.38 -42.76 -21.21
CA ILE A 997 -3.92 -42.67 -21.29
C ILE A 997 -3.45 -41.69 -22.36
N LEU A 998 -4.36 -41.16 -23.17
CA LEU A 998 -3.99 -40.24 -24.24
C LEU A 998 -3.58 -38.87 -23.75
N ASN A 999 -3.74 -38.59 -22.44
CA ASN A 999 -3.36 -37.28 -21.91
C ASN A 999 -1.85 -37.05 -22.01
N ARG A 1000 -1.07 -37.99 -21.49
CA ARG A 1000 0.39 -37.90 -21.54
C ARG A 1000 0.98 -38.62 -22.74
N MET A 1001 0.14 -39.17 -23.61
CA MET A 1001 0.61 -39.93 -24.77
C MET A 1001 0.91 -39.02 -25.96
N TYR A 1002 -0.11 -38.30 -26.44
CA TYR A 1002 0.03 -37.47 -27.64
C TYR A 1002 1.21 -36.51 -27.53
N PHE A 1003 1.16 -35.58 -26.58
CA PHE A 1003 2.21 -34.59 -26.45
C PHE A 1003 3.48 -35.22 -25.89
N LEU A 1004 4.54 -34.42 -25.79
CA LEU A 1004 5.82 -34.89 -25.28
C LEU A 1004 6.36 -33.96 -24.20
N LEU A 1005 6.72 -32.72 -24.54
CA LEU A 1005 7.26 -31.78 -23.56
C LEU A 1005 6.39 -30.53 -23.48
N MET A 1211 7.63 -24.87 -13.86
CA MET A 1211 6.21 -24.70 -13.59
C MET A 1211 5.75 -23.28 -13.90
N GLU A 1212 4.70 -22.83 -13.23
CA GLU A 1212 4.18 -21.48 -13.44
C GLU A 1212 5.03 -20.39 -12.80
N ARG A 1213 6.00 -20.77 -11.96
CA ARG A 1213 6.87 -19.77 -11.35
C ARG A 1213 7.81 -19.15 -12.38
N LEU A 1214 8.38 -19.97 -13.26
CA LEU A 1214 9.26 -19.44 -14.30
C LEU A 1214 8.48 -18.71 -15.38
N GLU A 1215 7.18 -18.98 -15.49
CA GLU A 1215 6.34 -18.26 -16.44
C GLU A 1215 6.37 -16.77 -16.19
N ILE A 1216 5.88 -16.34 -15.02
CA ILE A 1216 5.90 -14.92 -14.66
C ILE A 1216 7.33 -14.42 -14.53
N LEU A 1217 8.25 -15.30 -14.12
CA LEU A 1217 9.66 -14.90 -14.04
C LEU A 1217 10.26 -14.70 -15.43
N GLY A 1218 9.79 -15.47 -16.42
CA GLY A 1218 10.28 -15.29 -17.78
C GLY A 1218 9.78 -14.02 -18.42
N ALA A 1219 8.61 -13.54 -18.01
CA ALA A 1219 8.10 -12.27 -18.53
C ALA A 1219 8.97 -11.11 -18.09
N SER A 1220 9.41 -11.12 -16.83
CA SER A 1220 10.33 -10.10 -16.35
C SER A 1220 11.74 -10.31 -16.88
N PHE A 1221 12.13 -11.55 -17.13
CA PHE A 1221 13.45 -11.83 -17.69
C PHE A 1221 13.52 -11.46 -19.17
N LEU A 1222 12.41 -11.57 -19.89
CA LEU A 1222 12.40 -11.13 -21.29
C LEU A 1222 12.58 -9.63 -21.40
N LYS A 1223 11.92 -8.87 -20.52
CA LYS A 1223 12.12 -7.43 -20.47
C LYS A 1223 13.46 -7.05 -19.87
N LEU A 1224 14.03 -7.90 -19.02
CA LEU A 1224 15.34 -7.62 -18.44
C LEU A 1224 16.45 -7.75 -19.49
N SER A 1225 16.25 -8.59 -20.50
CA SER A 1225 17.24 -8.71 -21.57
C SER A 1225 17.34 -7.41 -22.36
N ALA A 1226 16.21 -6.76 -22.61
CA ALA A 1226 16.21 -5.46 -23.26
C ALA A 1226 16.60 -4.33 -22.32
N THR A 1227 16.37 -4.50 -21.01
CA THR A 1227 16.77 -3.47 -20.05
C THR A 1227 18.26 -3.51 -19.78
N LEU A 1228 18.81 -4.71 -19.54
CA LEU A 1228 20.24 -4.88 -19.31
C LEU A 1228 21.08 -4.39 -20.48
N TYR A 1229 20.97 -5.08 -21.62
CA TYR A 1229 21.90 -4.86 -22.73
C TYR A 1229 21.58 -3.60 -23.51
N LEU A 1230 20.30 -3.41 -23.88
CA LEU A 1230 19.97 -2.33 -24.81
C LEU A 1230 20.05 -0.96 -24.15
N ALA A 1231 19.56 -0.84 -22.92
CA ALA A 1231 19.60 0.46 -22.24
C ALA A 1231 21.02 0.84 -21.84
N SER A 1232 21.93 -0.14 -21.75
CA SER A 1232 23.33 0.14 -21.42
C SER A 1232 24.17 0.42 -22.65
N LYS A 1233 23.61 0.32 -23.85
CA LYS A 1233 24.34 0.62 -25.07
C LYS A 1233 24.49 2.13 -25.24
N TYR A 1234 23.38 2.83 -25.43
CA TYR A 1234 23.36 4.28 -25.52
C TYR A 1234 22.65 4.84 -24.30
N SER A 1235 23.42 5.47 -23.40
CA SER A 1235 22.84 6.03 -22.19
C SER A 1235 22.17 7.38 -22.46
N ASP A 1236 22.71 8.15 -23.40
CA ASP A 1236 22.15 9.46 -23.71
C ASP A 1236 20.83 9.40 -24.48
N TRP A 1237 20.45 8.22 -24.96
CA TRP A 1237 19.19 8.08 -25.69
C TRP A 1237 18.01 8.20 -24.72
N ASN A 1238 16.96 8.86 -25.19
CA ASN A 1238 15.77 9.06 -24.37
C ASN A 1238 15.02 7.74 -24.18
N GLU A 1239 14.23 7.68 -23.11
CA GLU A 1239 13.45 6.47 -22.83
C GLU A 1239 12.29 6.29 -23.80
N GLY A 1240 11.81 7.36 -24.41
CA GLY A 1240 10.71 7.27 -25.35
C GLY A 1240 11.12 6.66 -26.68
N THR A 1241 12.27 7.07 -27.20
CA THR A 1241 12.76 6.56 -28.48
C THR A 1241 13.47 5.21 -28.34
N LEU A 1242 13.82 4.80 -27.11
CA LEU A 1242 14.50 3.53 -26.93
C LEU A 1242 13.54 2.36 -27.00
N THR A 1243 12.33 2.50 -26.45
CA THR A 1243 11.33 1.45 -26.47
C THR A 1243 10.38 1.55 -27.64
N GLU A 1244 10.53 2.56 -28.51
CA GLU A 1244 9.65 2.69 -29.66
C GLU A 1244 9.94 1.59 -30.68
N VAL A 1245 11.21 1.42 -31.06
CA VAL A 1245 11.58 0.41 -32.05
C VAL A 1245 11.68 -0.98 -31.46
N LYS A 1246 11.86 -1.11 -30.14
CA LYS A 1246 11.98 -2.42 -29.53
C LYS A 1246 10.63 -3.07 -29.27
N SER A 1247 9.55 -2.29 -29.32
CA SER A 1247 8.22 -2.83 -29.07
C SER A 1247 7.62 -3.45 -30.33
N LYS A 1248 7.40 -2.62 -31.35
CA LYS A 1248 6.77 -3.10 -32.59
C LYS A 1248 7.65 -4.06 -33.37
N LEU A 1249 8.92 -4.24 -32.99
CA LEU A 1249 9.79 -5.16 -33.71
C LEU A 1249 9.33 -6.61 -33.59
N VAL A 1250 8.58 -6.94 -32.54
CA VAL A 1250 8.09 -8.30 -32.35
C VAL A 1250 6.95 -8.58 -33.33
N VAL A 1367 0.75 -14.21 -21.88
CA VAL A 1367 -0.09 -15.40 -21.87
C VAL A 1367 0.67 -16.59 -22.44
N ILE A 1368 0.63 -16.73 -23.77
CA ILE A 1368 1.33 -17.82 -24.44
C ILE A 1368 2.84 -17.60 -24.43
N ALA A 1369 3.29 -16.35 -24.38
CA ALA A 1369 4.72 -16.06 -24.36
C ALA A 1369 5.37 -16.45 -23.05
N ASP A 1370 4.62 -16.46 -21.96
CA ASP A 1370 5.18 -16.85 -20.67
C ASP A 1370 5.46 -18.35 -20.61
N THR A 1371 4.69 -19.15 -21.35
CA THR A 1371 4.93 -20.60 -21.37
C THR A 1371 6.21 -20.95 -22.12
N LEU A 1372 6.52 -20.20 -23.19
CA LEU A 1372 7.76 -20.44 -23.92
C LEU A 1372 8.99 -20.04 -23.11
N GLU A 1373 8.85 -19.01 -22.27
CA GLU A 1373 9.97 -18.59 -21.42
C GLU A 1373 10.23 -19.56 -20.28
N ALA A 1374 9.21 -20.32 -19.86
CA ALA A 1374 9.42 -21.30 -18.79
C ALA A 1374 10.28 -22.46 -19.27
N LEU A 1375 10.18 -22.83 -20.55
CA LEU A 1375 11.03 -23.89 -21.09
C LEU A 1375 12.48 -23.44 -21.21
N LEU A 1376 12.71 -22.14 -21.42
CA LEU A 1376 14.07 -21.63 -21.49
C LEU A 1376 14.74 -21.63 -20.12
N GLY A 1377 13.96 -21.47 -19.05
CA GLY A 1377 14.53 -21.52 -17.71
C GLY A 1377 14.95 -22.92 -17.30
N VAL A 1378 14.24 -23.94 -17.78
CA VAL A 1378 14.62 -25.31 -17.49
C VAL A 1378 15.89 -25.70 -18.24
N ILE A 1379 16.11 -25.12 -19.43
CA ILE A 1379 17.33 -25.40 -20.19
C ILE A 1379 18.55 -24.75 -19.57
N VAL A 1380 18.38 -23.75 -18.70
CA VAL A 1380 19.51 -23.10 -18.04
C VAL A 1380 20.05 -23.92 -16.88
N LYS A 1381 19.29 -24.89 -16.37
CA LYS A 1381 19.74 -25.73 -15.27
C LYS A 1381 20.66 -26.86 -15.73
N ASN A 1382 20.61 -27.24 -17.01
CA ASN A 1382 21.45 -28.30 -17.55
C ASN A 1382 22.73 -27.77 -18.20
N TYR A 1383 22.95 -26.47 -18.18
CA TYR A 1383 24.12 -25.85 -18.79
C TYR A 1383 24.43 -24.57 -18.04
N GLY A 1384 25.34 -23.76 -18.59
CA GLY A 1384 25.69 -22.50 -17.96
C GLY A 1384 24.53 -21.52 -17.95
N LEU A 1385 24.72 -20.44 -17.19
CA LEU A 1385 23.68 -19.43 -17.06
C LEU A 1385 23.44 -18.67 -18.37
N GLN A 1386 24.51 -18.38 -19.11
CA GLN A 1386 24.38 -17.67 -20.38
C GLN A 1386 24.08 -18.59 -21.55
N HIS A 1387 24.20 -19.91 -21.37
CA HIS A 1387 23.92 -20.87 -22.42
C HIS A 1387 22.49 -20.74 -22.93
N ALA A 1388 21.51 -21.03 -22.08
CA ALA A 1388 20.12 -21.00 -22.50
C ALA A 1388 19.67 -19.57 -22.83
N PHE A 1389 20.20 -18.58 -22.12
CA PHE A 1389 19.81 -17.20 -22.37
C PHE A 1389 20.25 -16.75 -23.76
N LYS A 1390 21.39 -17.26 -24.24
CA LYS A 1390 21.86 -16.95 -25.59
C LYS A 1390 20.83 -17.37 -26.63
N MET A 1391 20.56 -18.68 -26.73
CA MET A 1391 19.67 -19.17 -27.77
C MET A 1391 18.23 -18.73 -27.55
N LEU A 1392 17.89 -18.33 -26.32
CA LEU A 1392 16.53 -17.87 -26.05
C LEU A 1392 16.22 -16.58 -26.79
N GLU A 1393 17.21 -15.68 -26.93
CA GLU A 1393 16.97 -14.44 -27.64
C GLU A 1393 17.00 -14.66 -29.15
N TYR A 1394 17.78 -15.64 -29.61
CA TYR A 1394 17.88 -15.90 -31.04
C TYR A 1394 16.71 -16.72 -31.57
N PHE A 1395 16.26 -17.72 -30.81
CA PHE A 1395 15.22 -18.63 -31.30
C PHE A 1395 13.87 -17.93 -31.39
N LYS A 1396 13.41 -17.32 -30.30
CA LYS A 1396 12.08 -16.69 -30.29
C LYS A 1396 12.13 -15.32 -30.97
N ILE A 1397 12.78 -14.35 -30.33
CA ILE A 1397 12.91 -13.02 -30.91
C ILE A 1397 13.94 -13.05 -32.03
N CYS A 1398 13.91 -12.03 -32.87
CA CYS A 1398 14.90 -11.91 -33.94
C CYS A 1398 15.99 -10.94 -33.53
N ARG A 1399 15.68 -9.63 -33.57
CA ARG A 1399 16.57 -8.58 -33.09
C ARG A 1399 18.00 -8.76 -33.57
N ALA A 1400 18.24 -8.57 -34.87
CA ALA A 1400 19.57 -8.80 -35.44
C ALA A 1400 20.62 -7.96 -34.73
N ASP A 1401 20.32 -6.68 -34.51
CA ASP A 1401 21.28 -5.80 -33.82
C ASP A 1401 21.26 -5.99 -32.32
N ILE A 1402 20.09 -6.24 -31.73
CA ILE A 1402 19.99 -6.28 -30.27
C ILE A 1402 20.47 -7.61 -29.71
N ASP A 1403 20.52 -8.66 -30.52
CA ASP A 1403 20.92 -9.97 -30.02
C ASP A 1403 22.41 -10.02 -29.66
N LYS A 1404 23.25 -9.24 -30.34
CA LYS A 1404 24.68 -9.26 -30.03
C LYS A 1404 24.96 -8.70 -28.65
N PRO A 1405 24.40 -7.55 -28.25
CA PRO A 1405 24.68 -7.03 -26.89
C PRO A 1405 24.06 -7.87 -25.79
N LEU A 1406 23.10 -8.74 -26.10
CA LEU A 1406 22.40 -9.51 -25.08
C LEU A 1406 23.31 -10.47 -24.33
N THR A 1407 24.55 -10.66 -24.77
CA THR A 1407 25.47 -11.56 -24.09
C THR A 1407 25.97 -10.93 -22.80
N GLN A 1408 26.73 -9.84 -22.91
CA GLN A 1408 27.27 -9.16 -21.75
C GLN A 1408 26.97 -7.67 -21.86
N LEU A 1409 26.87 -7.02 -20.69
CA LEU A 1409 26.61 -5.59 -20.61
C LEU A 1409 27.79 -4.92 -19.90
N LEU A 1410 27.69 -3.62 -19.73
CA LEU A 1410 28.74 -2.85 -19.06
C LEU A 1410 28.09 -1.61 -18.43
N ASN A 1411 28.93 -0.71 -17.92
CA ASN A 1411 28.44 0.50 -17.28
C ASN A 1411 27.90 1.49 -18.30
N LEU A 1412 27.05 2.39 -17.82
CA LEU A 1412 26.45 3.41 -18.67
C LEU A 1412 27.47 4.52 -18.92
N GLU A 1413 27.01 5.62 -19.55
CA GLU A 1413 27.89 6.72 -19.90
C GLU A 1413 28.45 7.46 -18.69
N LEU A 1414 27.97 7.16 -17.48
CA LEU A 1414 28.50 7.80 -16.28
C LEU A 1414 30.00 7.59 -16.16
N GLY A 1415 30.43 6.34 -16.01
CA GLY A 1415 31.85 6.04 -15.97
C GLY A 1415 32.58 6.36 -17.26
N GLY A 1416 31.85 6.44 -18.37
CA GLY A 1416 32.47 6.80 -19.64
C GLY A 1416 32.66 8.29 -19.82
N LYS A 1417 31.88 9.10 -19.09
CA LYS A 1417 32.05 10.55 -19.16
C LYS A 1417 33.46 10.95 -18.75
N LYS A 1418 33.80 10.75 -17.48
CA LYS A 1418 35.15 11.03 -16.98
C LYS A 1418 36.04 9.83 -17.30
N MET A 1419 37.13 10.08 -18.03
CA MET A 1419 38.01 8.99 -18.43
C MET A 1419 38.91 8.54 -17.30
N ARG A 1420 39.02 9.34 -16.24
CA ARG A 1420 39.88 8.97 -15.11
C ARG A 1420 39.14 8.06 -14.13
N ALA A 1421 38.19 8.64 -13.38
CA ALA A 1421 37.44 7.93 -12.35
C ALA A 1421 36.42 8.91 -11.78
N ASN A 1422 35.58 8.39 -10.88
CA ASN A 1422 34.56 9.22 -10.24
C ASN A 1422 35.15 10.27 -9.31
N VAL A 1423 36.44 10.20 -8.99
CA VAL A 1423 37.05 11.20 -8.12
C VAL A 1423 37.12 12.54 -8.83
N ASN A 1424 37.23 12.53 -10.15
CA ASN A 1424 37.23 13.78 -10.91
C ASN A 1424 35.86 14.45 -10.90
N THR A 1425 34.78 13.65 -10.88
CA THR A 1425 33.45 14.22 -10.81
C THR A 1425 33.08 14.65 -9.39
N THR A 1426 33.88 14.28 -8.39
CA THR A 1426 33.62 14.68 -7.01
C THR A 1426 33.97 16.14 -6.76
N GLU A 1427 34.65 16.80 -7.69
CA GLU A 1427 34.98 18.21 -7.52
C GLU A 1427 33.77 19.11 -7.78
N ILE A 1428 32.94 18.76 -8.75
CA ILE A 1428 31.76 19.56 -9.05
C ILE A 1428 30.65 19.29 -8.04
N ASP A 1429 30.45 18.03 -7.67
CA ASP A 1429 29.44 17.64 -6.70
C ASP A 1429 30.14 17.23 -5.41
N GLY A 1430 29.94 18.02 -4.36
CA GLY A 1430 30.59 17.76 -3.09
C GLY A 1430 29.88 16.74 -2.23
N PHE A 1431 28.98 15.96 -2.84
CA PHE A 1431 28.25 14.93 -2.12
C PHE A 1431 29.12 13.74 -1.75
N LEU A 1432 30.27 13.58 -2.39
CA LEU A 1432 31.17 12.46 -2.10
C LEU A 1432 32.26 12.82 -1.09
N ILE A 1433 32.26 14.05 -0.57
CA ILE A 1433 33.27 14.46 0.40
C ILE A 1433 32.94 13.90 1.77
N ASP A 1448 31.43 0.82 -4.75
CA ASP A 1448 32.26 1.65 -5.62
C ASP A 1448 31.61 3.00 -5.88
N ARG A 1449 32.43 4.06 -5.88
CA ARG A 1449 31.90 5.40 -6.10
C ARG A 1449 31.60 5.68 -7.57
N ARG A 1450 32.12 4.86 -8.48
CA ARG A 1450 31.85 5.07 -9.91
C ARG A 1450 30.45 4.61 -10.27
N TYR A 1451 30.03 3.45 -9.76
CA TYR A 1451 28.70 2.93 -10.06
C TYR A 1451 27.59 3.67 -9.31
N LEU A 1452 27.91 4.31 -8.19
CA LEU A 1452 26.91 5.05 -7.43
C LEU A 1452 26.64 6.44 -8.00
N LEU A 1453 27.46 6.89 -8.94
CA LEU A 1453 27.24 8.20 -9.56
C LEU A 1453 25.87 8.28 -10.21
N GLN A 1454 25.67 7.50 -11.28
CA GLN A 1454 24.40 7.52 -12.00
C GLN A 1454 23.26 6.92 -11.18
N ALA A 1455 23.57 6.10 -10.18
CA ALA A 1455 22.53 5.50 -9.35
C ALA A 1455 21.85 6.53 -8.44
N LEU A 1456 22.61 7.51 -7.95
CA LEU A 1456 22.08 8.55 -7.08
C LEU A 1456 21.66 9.80 -7.84
N THR A 1457 21.75 9.80 -9.17
CA THR A 1457 21.38 10.97 -9.95
C THR A 1457 19.88 11.21 -9.87
N HIS A 1458 19.49 12.50 -9.79
CA HIS A 1458 18.08 12.85 -9.71
C HIS A 1458 17.51 13.08 -11.10
N PRO A 1459 16.31 12.56 -11.37
CA PRO A 1459 15.67 12.83 -12.67
C PRO A 1459 15.23 14.27 -12.85
N SER A 1460 15.16 15.05 -11.77
CA SER A 1460 14.74 16.44 -11.85
C SER A 1460 15.61 17.22 -12.83
N TYR A 1461 16.91 17.33 -12.53
CA TYR A 1461 17.81 18.09 -13.39
C TYR A 1461 17.81 17.54 -14.80
N PRO A 1462 17.62 18.45 -15.91
CA PRO A 1462 17.55 17.98 -17.31
C PRO A 1462 18.94 17.77 -17.93
N THR A 1463 19.52 16.61 -17.64
CA THR A 1463 20.83 16.20 -18.16
C THR A 1463 21.91 17.22 -17.78
N ASN A 1464 22.20 17.26 -16.48
CA ASN A 1464 23.21 18.14 -15.94
C ASN A 1464 24.59 17.50 -16.11
N ARG A 1465 25.60 18.13 -15.51
CA ARG A 1465 26.97 17.65 -15.59
C ARG A 1465 27.32 16.66 -14.49
N ILE A 1466 26.40 16.37 -13.57
CA ILE A 1466 26.69 15.43 -12.51
C ILE A 1466 26.61 13.99 -13.02
N THR A 1467 25.76 13.74 -14.01
CA THR A 1467 25.53 12.41 -14.58
C THR A 1467 24.55 12.56 -15.73
N GLY A 1468 24.49 11.54 -16.58
CA GLY A 1468 23.62 11.58 -17.73
C GLY A 1468 22.14 11.61 -17.37
N SER A 1469 21.69 10.60 -16.62
CA SER A 1469 20.31 10.49 -16.15
C SER A 1469 20.18 9.22 -15.33
N TYR A 1470 19.13 9.17 -14.52
CA TYR A 1470 18.78 7.97 -13.76
C TYR A 1470 17.73 7.13 -14.45
N GLN A 1471 17.22 7.56 -15.59
CA GLN A 1471 16.16 6.81 -16.27
C GLN A 1471 16.71 5.55 -16.93
N GLU A 1472 17.97 5.59 -17.35
CA GLU A 1472 18.56 4.41 -17.98
C GLU A 1472 18.73 3.27 -16.97
N LEU A 1473 19.11 3.58 -15.74
CA LEU A 1473 19.24 2.56 -14.70
C LEU A 1473 17.93 2.29 -13.97
N GLU A 1474 16.92 3.14 -14.15
CA GLU A 1474 15.63 2.90 -13.50
C GLU A 1474 14.92 1.71 -14.12
N PHE A 1475 14.76 1.71 -15.44
CA PHE A 1475 14.13 0.57 -16.11
C PHE A 1475 15.05 -0.65 -16.15
N ILE A 1476 16.37 -0.41 -16.10
CA ILE A 1476 17.33 -1.52 -16.05
C ILE A 1476 17.06 -2.39 -14.83
N GLY A 1477 17.26 -1.83 -13.64
CA GLY A 1477 17.04 -2.58 -12.41
C GLY A 1477 15.60 -2.93 -12.15
N ALA A 1478 14.66 -2.31 -12.87
CA ALA A 1478 13.24 -2.62 -12.73
C ALA A 1478 12.97 -4.09 -13.03
N ALA A 1479 13.16 -4.50 -14.28
CA ALA A 1479 12.93 -5.89 -14.65
C ALA A 1479 14.03 -6.80 -14.11
N ILE A 1480 15.23 -6.26 -13.90
CA ILE A 1480 16.32 -7.04 -13.31
C ILE A 1480 15.91 -7.59 -11.95
N LEU A 1481 15.66 -6.69 -10.99
CA LEU A 1481 15.28 -7.12 -9.65
C LEU A 1481 13.94 -7.86 -9.65
N ASP A 1482 13.07 -7.56 -10.62
CA ASP A 1482 11.81 -8.27 -10.72
C ASP A 1482 12.03 -9.72 -11.16
N PHE A 1483 12.90 -9.94 -12.13
CA PHE A 1483 13.20 -11.30 -12.57
C PHE A 1483 14.12 -12.02 -11.59
N LEU A 1484 15.00 -11.30 -10.90
CA LEU A 1484 15.89 -11.92 -9.92
C LEU A 1484 15.14 -12.38 -8.69
N ILE A 1485 14.19 -11.58 -8.20
CA ILE A 1485 13.42 -11.98 -7.03
C ILE A 1485 12.44 -13.10 -7.39
N SER A 1486 11.96 -13.14 -8.64
CA SER A 1486 11.05 -14.20 -9.05
C SER A 1486 11.78 -15.50 -9.31
N ALA A 1487 13.02 -15.43 -9.80
CA ALA A 1487 13.79 -16.66 -10.04
C ALA A 1487 14.24 -17.29 -8.73
N TYR A 1488 14.64 -16.46 -7.76
CA TYR A 1488 15.05 -17.00 -6.47
C TYR A 1488 13.87 -17.55 -5.68
N ILE A 1489 12.66 -17.02 -5.93
CA ILE A 1489 11.49 -17.52 -5.23
C ILE A 1489 10.84 -18.69 -5.93
N PHE A 1490 11.34 -19.07 -7.11
CA PHE A 1490 10.77 -20.22 -7.83
C PHE A 1490 11.03 -21.52 -7.08
N GLU A 1491 12.22 -21.66 -6.48
CA GLU A 1491 12.54 -22.86 -5.73
C GLU A 1491 11.91 -22.82 -4.34
N ASN A 1492 11.75 -21.63 -3.76
CA ASN A 1492 11.19 -21.51 -2.42
C ASN A 1492 9.67 -21.66 -2.43
N ASN A 1493 9.00 -21.10 -3.43
CA ASN A 1493 7.55 -21.16 -3.53
C ASN A 1493 7.06 -22.37 -4.32
N THR A 1494 7.96 -23.26 -4.73
CA THR A 1494 7.57 -24.45 -5.48
C THR A 1494 6.63 -25.36 -4.70
N LYS A 1495 6.63 -25.27 -3.37
CA LYS A 1495 5.72 -26.06 -2.55
C LYS A 1495 4.27 -25.60 -2.63
N MET A 1496 4.02 -24.49 -3.32
CA MET A 1496 2.69 -23.92 -3.44
C MET A 1496 2.21 -24.02 -4.89
N ASN A 1497 1.03 -23.46 -5.16
CA ASN A 1497 0.41 -23.49 -6.46
C ASN A 1497 0.31 -22.08 -7.04
N PRO A 1498 0.19 -21.95 -8.36
CA PRO A 1498 0.17 -20.61 -8.95
C PRO A 1498 -0.99 -19.75 -8.48
N GLY A 1499 -2.10 -20.36 -8.06
CA GLY A 1499 -3.22 -19.60 -7.56
C GLY A 1499 -3.00 -19.08 -6.14
N ALA A 1500 -2.42 -19.92 -5.29
CA ALA A 1500 -2.19 -19.52 -3.91
C ALA A 1500 -0.94 -18.64 -3.78
N LEU A 1501 0.11 -18.94 -4.54
CA LEU A 1501 1.35 -18.18 -4.41
C LEU A 1501 1.28 -16.81 -5.07
N THR A 1502 0.19 -16.53 -5.79
CA THR A 1502 0.04 -15.25 -6.47
C THR A 1502 -0.36 -14.11 -5.54
N ASP A 1503 -0.96 -14.42 -4.40
CA ASP A 1503 -1.40 -13.40 -3.45
C ASP A 1503 -0.23 -12.53 -2.98
N LEU A 1504 0.67 -13.10 -2.18
CA LEU A 1504 1.86 -12.41 -1.71
C LEU A 1504 3.06 -13.34 -1.89
N ARG A 1505 4.01 -12.93 -2.72
CA ARG A 1505 5.17 -13.76 -3.04
C ARG A 1505 6.43 -12.90 -3.00
N SER A 1506 7.37 -13.29 -2.14
CA SER A 1506 8.74 -12.78 -2.17
C SER A 1506 8.81 -11.26 -2.05
N ALA A 1507 8.21 -10.74 -0.98
CA ALA A 1507 8.36 -9.33 -0.62
C ALA A 1507 7.88 -8.40 -1.73
N LEU A 1508 6.56 -8.28 -1.89
CA LEU A 1508 5.99 -7.52 -2.99
C LEU A 1508 6.56 -6.11 -3.06
N VAL A 1509 6.65 -5.59 -4.28
CA VAL A 1509 7.42 -4.39 -4.59
C VAL A 1509 6.64 -3.13 -4.28
N ASN A 1510 5.45 -3.28 -3.69
CA ASN A 1510 4.63 -2.14 -3.33
C ASN A 1510 5.43 -1.13 -2.52
N ASN A 1511 5.24 0.16 -2.83
CA ASN A 1511 6.08 1.22 -2.30
C ASN A 1511 5.94 1.41 -0.79
N THR A 1512 4.96 0.76 -0.15
CA THR A 1512 4.83 0.87 1.30
C THR A 1512 6.01 0.24 2.00
N THR A 1513 6.29 -1.03 1.72
CA THR A 1513 7.44 -1.71 2.33
C THR A 1513 8.75 -1.38 1.61
N LEU A 1514 8.68 -0.89 0.37
CA LEU A 1514 9.88 -0.58 -0.38
C LEU A 1514 10.74 0.45 0.34
N ALA A 1515 10.21 1.67 0.47
CA ALA A 1515 10.97 2.73 1.13
C ALA A 1515 11.19 2.46 2.61
N CYS A 1516 10.35 1.63 3.23
CA CYS A 1516 10.52 1.29 4.64
C CYS A 1516 11.68 0.33 4.87
N ILE A 1517 12.13 -0.37 3.84
CA ILE A 1517 13.24 -1.30 4.00
C ILE A 1517 14.56 -0.54 4.17
N CYS A 1518 14.68 0.62 3.54
CA CYS A 1518 15.90 1.42 3.68
C CYS A 1518 16.00 2.05 5.07
N VAL A 1519 14.86 2.42 5.67
CA VAL A 1519 14.87 3.01 7.01
C VAL A 1519 15.00 1.97 8.10
N ARG A 1520 14.77 0.69 7.81
CA ARG A 1520 14.88 -0.36 8.82
C ARG A 1520 16.33 -0.75 9.10
N HIS A 1521 17.28 -0.25 8.33
CA HIS A 1521 18.69 -0.53 8.55
C HIS A 1521 19.35 0.43 9.54
N ARG A 1522 18.58 1.37 10.09
CA ARG A 1522 19.08 2.34 11.06
C ARG A 1522 20.24 3.15 10.47
N LEU A 1523 20.04 3.66 9.26
CA LEU A 1523 21.04 4.45 8.57
C LEU A 1523 20.89 5.93 8.92
N ASN A 1531 11.94 19.88 -5.72
CA ASN A 1531 10.63 20.51 -5.48
C ASN A 1531 10.25 20.42 -4.01
N ALA A 1532 9.54 21.44 -3.53
CA ALA A 1532 9.11 21.47 -2.14
C ALA A 1532 7.97 20.49 -1.86
N LYS A 1533 7.21 20.10 -2.88
CA LYS A 1533 6.11 19.17 -2.67
C LYS A 1533 6.62 17.75 -2.43
N LEU A 1534 7.81 17.42 -2.94
CA LEU A 1534 8.37 16.10 -2.74
C LEU A 1534 8.89 15.89 -1.32
N SER A 1535 9.26 16.96 -0.62
CA SER A 1535 9.73 16.87 0.75
C SER A 1535 8.62 17.07 1.77
N GLU A 1536 7.37 17.24 1.33
CA GLU A 1536 6.24 17.45 2.22
C GLU A 1536 5.48 16.16 2.51
N ILE A 1537 4.88 15.56 1.48
CA ILE A 1537 4.11 14.34 1.68
C ILE A 1537 5.01 13.17 2.07
N ILE A 1538 6.27 13.19 1.61
CA ILE A 1538 7.19 12.12 1.96
C ILE A 1538 7.62 12.23 3.42
N SER A 1539 7.72 13.46 3.94
CA SER A 1539 8.09 13.63 5.34
C SER A 1539 6.97 13.21 6.28
N LYS A 1540 5.72 13.49 5.90
CA LYS A 1540 4.59 13.07 6.73
C LYS A 1540 4.34 11.57 6.66
N PHE A 1541 4.65 10.94 5.53
CA PHE A 1541 4.47 9.51 5.41
C PHE A 1541 5.58 8.73 6.11
N VAL A 1542 6.78 9.32 6.21
CA VAL A 1542 7.87 8.65 6.90
C VAL A 1542 7.65 8.65 8.40
N ASN A 1543 6.99 9.68 8.93
CA ASN A 1543 6.71 9.74 10.36
C ASN A 1543 5.63 8.75 10.78
N PHE A 1544 4.62 8.54 9.91
CA PHE A 1544 3.56 7.60 10.23
C PHE A 1544 4.00 6.15 10.03
N GLN A 1545 4.94 5.91 9.12
CA GLN A 1545 5.43 4.56 8.88
C GLN A 1545 6.51 4.13 9.86
N GLU A 1546 6.98 5.04 10.73
CA GLU A 1546 8.01 4.70 11.69
C GLU A 1546 7.49 3.85 12.85
N SER A 1547 6.17 3.74 13.00
CA SER A 1547 5.59 2.94 14.08
C SER A 1547 5.72 1.45 13.78
#